data_5WJO
#
_entry.id   5WJO
#
_cell.length_a   41.150
_cell.length_b   128.080
_cell.length_c   169.680
_cell.angle_alpha   90.00
_cell.angle_beta   90.00
_cell.angle_gamma   90.00
#
_symmetry.space_group_name_H-M   'P 21 21 21'
#
loop_
_entity.id
_entity.type
_entity.pdbx_description
1 polymer 'PG90 TCR alpha chain'
2 polymer 'PG90 TCR beta chain'
3 non-polymer 'SODIUM ION'
4 non-polymer 1,2-ETHANEDIOL
5 non-polymer 'CHLORIDE ION'
6 water water
#
loop_
_entity_poly.entity_id
_entity_poly.type
_entity_poly.pdbx_seq_one_letter_code
_entity_poly.pdbx_strand_id
1 'polypeptide(L)'
;DAKTTQPPSMDCAEGRAANLPCNHSTISGNEYVYWYRQIHSQGPQYIIHGLKNNETNEMASLIITEDRKSSTLILPHATL
RDTAVYYCIVRVAYRQKVTFGTGTKLQVIPNIQNPDPAVYQLRDSKSSDKSVCLFTDFDSQTNVSQSKDSDVYITDKCVL
DMRSMDFKSNSAVAWSNKSDFACANAFNNSIIPEDTFFPSPESS
;
A,C
2 'polypeptide(L)'
;GAGVSQSPRYKVAKRGQDVALRCDPISGHVSLFWYQQALGQGPEFLTYFQNEAQLDKSGLPSDRFFAERPEGSVSTLKIQ
RTQQEDSAVYLCASSLARAQGASNTGELFFGEGSRLTVLEDLKNVFPPEVAVFEPSEAEISHTQKATLVCLATGFYPDHV
ELSWWVNGKEVHSGVCTDPQPLKEQPALNDSRYALSSRLRVSATFWQNPRNHFRCQVQFYGLSENDEWTQDRAKPVTQIV
SAEAWGRAD
;
B,D
#
loop_
_chem_comp.id
_chem_comp.type
_chem_comp.name
_chem_comp.formula
CL non-polymer 'CHLORIDE ION' 'Cl -1'
EDO non-polymer 1,2-ETHANEDIOL 'C2 H6 O2'
NA non-polymer 'SODIUM ION' 'Na 1'
#
# COMPACT_ATOMS: atom_id res chain seq x y z
N LYS A 3 -8.49 -34.26 12.12
CA LYS A 3 -8.79 -35.15 13.24
C LYS A 3 -8.43 -34.49 14.59
N THR A 4 -7.56 -33.46 14.57
CA THR A 4 -7.18 -32.71 15.76
C THR A 4 -7.59 -31.26 15.61
N THR A 5 -7.91 -30.59 16.72
CA THR A 5 -8.26 -29.17 16.70
C THR A 5 -7.39 -28.46 17.73
N GLN A 6 -6.83 -27.30 17.34
CA GLN A 6 -5.96 -26.47 18.16
C GLN A 6 -6.30 -25.00 17.99
N PRO A 7 -6.08 -24.14 19.01
CA PRO A 7 -6.30 -22.70 18.79
C PRO A 7 -5.20 -22.16 17.84
N PRO A 8 -5.55 -21.42 16.75
CA PRO A 8 -4.53 -20.98 15.78
C PRO A 8 -3.36 -20.18 16.35
N SER A 9 -3.60 -19.32 17.36
CA SER A 9 -2.55 -18.52 17.97
C SER A 9 -2.77 -18.42 19.46
N MET A 10 -1.66 -18.28 20.21
CA MET A 10 -1.69 -18.23 21.67
C MET A 10 -0.46 -17.53 22.23
N ASP A 11 -0.66 -16.72 23.27
CA ASP A 11 0.41 -16.07 24.01
C ASP A 11 0.61 -16.83 25.31
N CYS A 12 1.86 -16.88 25.79
CA CYS A 12 2.15 -17.52 27.07
C CYS A 12 3.18 -16.67 27.81
N ALA A 13 3.26 -16.83 29.13
CA ALA A 13 4.20 -16.09 29.96
C ALA A 13 5.61 -16.67 29.84
N GLU A 14 6.60 -15.78 29.65
CA GLU A 14 8.01 -16.16 29.59
C GLU A 14 8.48 -16.50 30.98
N GLY A 15 9.33 -17.53 31.09
CA GLY A 15 9.91 -17.98 32.35
C GLY A 15 9.01 -18.90 33.14
N ARG A 16 7.91 -19.34 32.53
CA ARG A 16 6.92 -20.23 33.12
C ARG A 16 6.70 -21.42 32.22
N ALA A 17 6.15 -22.51 32.78
CA ALA A 17 5.78 -23.67 31.98
C ALA A 17 4.57 -23.30 31.11
N ALA A 18 4.61 -23.63 29.81
CA ALA A 18 3.54 -23.29 28.87
C ALA A 18 2.68 -24.51 28.54
N ASN A 19 1.35 -24.37 28.66
CA ASN A 19 0.39 -25.43 28.36
C ASN A 19 -0.20 -25.20 26.98
N LEU A 20 -0.13 -26.22 26.13
CA LEU A 20 -0.64 -26.14 24.77
C LEU A 20 -1.75 -27.19 24.60
N PRO A 21 -3.02 -26.75 24.47
CA PRO A 21 -4.12 -27.73 24.35
C PRO A 21 -4.33 -28.26 22.93
N CYS A 22 -4.87 -29.47 22.86
CA CYS A 22 -5.22 -30.17 21.65
C CYS A 22 -6.45 -31.01 21.90
N ASN A 23 -7.34 -31.06 20.92
CA ASN A 23 -8.54 -31.86 21.00
C ASN A 23 -8.56 -32.87 19.88
N HIS A 24 -8.77 -34.13 20.24
CA HIS A 24 -8.84 -35.28 19.32
C HIS A 24 -9.93 -36.22 19.82
N SER A 25 -11.20 -35.81 19.66
CA SER A 25 -12.37 -36.53 20.15
C SER A 25 -12.58 -37.92 19.56
N THR A 26 -12.22 -38.10 18.29
CA THR A 26 -12.54 -39.35 17.62
C THR A 26 -11.30 -40.25 17.51
N ILE A 27 -10.41 -40.11 18.51
CA ILE A 27 -9.19 -40.91 18.60
C ILE A 27 -9.56 -42.39 18.77
N SER A 28 -8.85 -43.26 18.07
CA SER A 28 -9.03 -44.70 18.20
C SER A 28 -8.02 -45.23 19.20
N GLY A 29 -8.20 -46.48 19.60
CA GLY A 29 -7.28 -47.14 20.52
C GLY A 29 -5.87 -47.31 19.96
N ASN A 30 -5.78 -47.51 18.64
CA ASN A 30 -4.48 -47.74 18.01
C ASN A 30 -3.69 -46.46 17.75
N GLU A 31 -4.35 -45.29 17.76
CA GLU A 31 -3.68 -44.06 17.41
C GLU A 31 -2.93 -43.41 18.53
N TYR A 32 -1.80 -42.80 18.15
CA TYR A 32 -0.92 -42.05 19.03
C TYR A 32 -1.11 -40.58 18.86
N VAL A 33 -0.74 -39.81 19.89
CA VAL A 33 -0.78 -38.37 19.84
C VAL A 33 0.66 -37.88 19.67
N TYR A 34 0.94 -37.18 18.57
CA TYR A 34 2.27 -36.63 18.30
C TYR A 34 2.26 -35.12 18.33
N TRP A 35 3.37 -34.54 18.79
CA TRP A 35 3.55 -33.11 18.81
C TRP A 35 4.81 -32.76 18.04
N TYR A 36 4.66 -31.85 17.08
CA TYR A 36 5.74 -31.36 16.23
C TYR A 36 5.90 -29.88 16.42
N ARG A 37 7.11 -29.38 16.26
CA ARG A 37 7.38 -27.96 16.38
C ARG A 37 8.04 -27.45 15.13
N GLN A 38 7.61 -26.29 14.67
CA GLN A 38 8.19 -25.70 13.48
C GLN A 38 8.59 -24.25 13.74
N ILE A 39 9.90 -24.03 13.73
CA ILE A 39 10.54 -22.73 13.87
C ILE A 39 10.51 -22.11 12.47
N HIS A 40 10.50 -20.76 12.40
CA HIS A 40 10.51 -19.97 11.17
C HIS A 40 11.69 -20.39 10.27
N SER A 41 11.42 -20.57 8.95
CA SER A 41 12.37 -20.98 7.88
C SER A 41 13.00 -22.39 8.16
N GLN A 42 12.28 -23.22 8.93
CA GLN A 42 12.70 -24.57 9.30
C GLN A 42 11.56 -25.56 9.01
N GLY A 43 11.90 -26.85 9.01
CA GLY A 43 10.95 -27.93 8.84
C GLY A 43 10.40 -28.40 10.17
N PRO A 44 9.20 -29.04 10.20
CA PRO A 44 8.67 -29.53 11.49
C PRO A 44 9.63 -30.52 12.17
N GLN A 45 9.66 -30.47 13.50
CA GLN A 45 10.55 -31.31 14.30
C GLN A 45 9.79 -31.98 15.41
N TYR A 46 9.97 -33.31 15.53
CA TYR A 46 9.34 -34.14 16.55
C TYR A 46 9.73 -33.68 17.96
N ILE A 47 8.76 -33.65 18.87
CA ILE A 47 8.95 -33.28 20.28
C ILE A 47 8.71 -34.50 21.16
N ILE A 48 7.46 -34.98 21.17
CA ILE A 48 7.00 -36.07 22.01
C ILE A 48 5.80 -36.77 21.36
N HIS A 49 5.52 -37.99 21.84
CA HIS A 49 4.38 -38.79 21.44
C HIS A 49 4.00 -39.70 22.60
N GLY A 50 2.73 -40.06 22.64
CA GLY A 50 2.17 -40.92 23.66
C GLY A 50 0.94 -41.64 23.17
N LEU A 51 0.49 -42.64 23.93
CA LEU A 51 -0.69 -43.44 23.61
C LEU A 51 -1.79 -43.10 24.61
N LYS A 52 -1.65 -43.55 25.87
CA LYS A 52 -2.59 -43.29 26.96
C LYS A 52 -1.85 -42.71 28.15
N ASN A 53 -0.65 -43.24 28.42
CA ASN A 53 0.23 -42.82 29.51
C ASN A 53 0.80 -41.43 29.30
N ASN A 54 1.04 -40.72 30.42
CA ASN A 54 1.69 -39.41 30.40
C ASN A 54 3.16 -39.61 30.09
N GLU A 55 3.70 -38.78 29.18
CA GLU A 55 5.09 -38.90 28.77
C GLU A 55 5.90 -37.67 29.13
N THR A 56 7.19 -37.86 29.38
CA THR A 56 8.12 -36.79 29.73
C THR A 56 9.50 -37.10 29.16
N ASN A 57 10.05 -36.15 28.41
CA ASN A 57 11.39 -36.18 27.85
C ASN A 57 12.03 -34.81 28.11
N GLU A 58 13.28 -34.61 27.68
CA GLU A 58 14.04 -33.37 27.88
C GLU A 58 13.45 -32.17 27.10
N MET A 59 12.50 -32.41 26.17
CA MET A 59 11.90 -31.34 25.37
C MET A 59 10.60 -30.86 25.98
N ALA A 60 9.71 -31.78 26.42
CA ALA A 60 8.40 -31.45 26.98
C ALA A 60 7.76 -32.62 27.73
N SER A 61 6.55 -32.35 28.26
CA SER A 61 5.66 -33.29 28.91
C SER A 61 4.38 -33.40 28.07
N LEU A 62 3.79 -34.60 28.01
CA LEU A 62 2.55 -34.83 27.27
C LEU A 62 1.53 -35.47 28.20
N ILE A 63 0.44 -34.75 28.49
CA ILE A 63 -0.65 -35.19 29.36
C ILE A 63 -1.85 -35.57 28.50
N ILE A 64 -2.20 -36.87 28.45
CA ILE A 64 -3.37 -37.36 27.72
C ILE A 64 -4.43 -37.71 28.76
N THR A 65 -5.69 -37.27 28.53
CA THR A 65 -6.82 -37.55 29.42
C THR A 65 -7.12 -39.05 29.37
N GLU A 66 -7.85 -39.58 30.38
CA GLU A 66 -8.15 -41.00 30.44
C GLU A 66 -9.17 -41.42 29.37
N ASP A 67 -10.07 -40.50 28.97
CA ASP A 67 -11.02 -40.77 27.88
C ASP A 67 -10.31 -40.61 26.52
N ARG A 68 -9.07 -40.05 26.56
CA ARG A 68 -8.11 -39.81 25.46
C ARG A 68 -8.64 -38.81 24.41
N LYS A 69 -9.70 -38.07 24.73
CA LYS A 69 -10.32 -37.10 23.83
C LYS A 69 -9.51 -35.80 23.67
N SER A 70 -8.66 -35.49 24.65
CA SER A 70 -7.84 -34.28 24.59
C SER A 70 -6.47 -34.52 25.24
N SER A 71 -5.49 -33.69 24.88
CA SER A 71 -4.15 -33.79 25.44
C SER A 71 -3.52 -32.40 25.59
N THR A 72 -2.47 -32.31 26.42
CA THR A 72 -1.77 -31.07 26.69
C THR A 72 -0.27 -31.26 26.54
N LEU A 73 0.36 -30.36 25.75
CA LEU A 73 1.80 -30.32 25.61
C LEU A 73 2.31 -29.31 26.63
N ILE A 74 3.21 -29.72 27.52
CA ILE A 74 3.73 -28.80 28.52
C ILE A 74 5.22 -28.59 28.29
N LEU A 75 5.58 -27.35 27.93
CA LEU A 75 6.97 -26.92 27.77
C LEU A 75 7.45 -26.56 29.17
N PRO A 76 8.57 -27.13 29.67
CA PRO A 76 8.96 -26.89 31.08
C PRO A 76 9.25 -25.44 31.46
N HIS A 77 9.87 -24.66 30.58
CA HIS A 77 10.24 -23.27 30.85
C HIS A 77 10.24 -22.50 29.53
N ALA A 78 9.15 -21.76 29.26
CA ALA A 78 8.97 -21.00 28.02
C ALA A 78 9.96 -19.83 27.91
N THR A 79 10.79 -19.87 26.87
CA THR A 79 11.76 -18.83 26.54
C THR A 79 11.42 -18.29 25.16
N LEU A 80 12.05 -17.19 24.73
CA LEU A 80 11.85 -16.58 23.41
C LEU A 80 12.16 -17.56 22.26
N ARG A 81 12.97 -18.59 22.53
N ARG A 81 12.96 -18.60 22.55
CA ARG A 81 13.36 -19.63 21.57
CA ARG A 81 13.36 -19.65 21.62
C ARG A 81 12.22 -20.65 21.38
C ARG A 81 12.24 -20.69 21.42
N ASP A 82 11.20 -20.66 22.28
CA ASP A 82 10.03 -21.55 22.20
C ASP A 82 8.89 -20.92 21.35
N THR A 83 9.13 -19.71 20.79
CA THR A 83 8.19 -19.04 19.90
C THR A 83 8.26 -19.79 18.55
N ALA A 84 7.23 -20.60 18.28
CA ALA A 84 7.11 -21.43 17.08
C ALA A 84 5.68 -21.90 16.89
N VAL A 85 5.45 -22.68 15.83
CA VAL A 85 4.16 -23.29 15.53
C VAL A 85 4.22 -24.72 16.06
N TYR A 86 3.21 -25.11 16.84
CA TYR A 86 3.15 -26.44 17.43
C TYR A 86 1.99 -27.22 16.82
N TYR A 87 2.32 -28.39 16.24
CA TYR A 87 1.34 -29.25 15.58
C TYR A 87 1.04 -30.48 16.40
N CYS A 88 -0.23 -30.63 16.77
CA CYS A 88 -0.74 -31.81 17.45
C CYS A 88 -1.40 -32.66 16.38
N ILE A 89 -0.88 -33.87 16.17
CA ILE A 89 -1.40 -34.77 15.15
C ILE A 89 -1.70 -36.12 15.78
N VAL A 90 -2.60 -36.88 15.14
CA VAL A 90 -2.94 -38.23 15.57
C VAL A 90 -2.76 -39.15 14.36
N ARG A 91 -2.13 -40.31 14.57
CA ARG A 91 -1.91 -41.24 13.47
C ARG A 91 -2.07 -42.67 13.93
N VAL A 92 -2.66 -43.50 13.05
CA VAL A 92 -2.88 -44.92 13.30
C VAL A 92 -1.50 -45.60 13.41
N ALA A 93 -1.38 -46.54 14.37
CA ALA A 93 -0.15 -47.26 14.72
C ALA A 93 0.60 -47.88 13.51
N TYR A 94 -0.12 -48.40 12.48
CA TYR A 94 0.54 -49.05 11.35
C TYR A 94 1.04 -48.07 10.27
N ARG A 95 0.29 -47.00 9.93
CA ARG A 95 0.72 -46.04 8.92
C ARG A 95 1.79 -45.07 9.44
N GLN A 96 2.43 -44.32 8.52
CA GLN A 96 3.49 -43.36 8.83
C GLN A 96 3.05 -41.94 8.44
N LYS A 97 2.18 -41.81 7.40
CA LYS A 97 1.66 -40.53 6.88
C LYS A 97 1.04 -39.69 7.99
N VAL A 98 1.42 -38.41 8.03
CA VAL A 98 0.96 -37.44 9.01
C VAL A 98 0.13 -36.36 8.33
N THR A 99 -1.10 -36.14 8.81
CA THR A 99 -1.98 -35.09 8.32
C THR A 99 -1.87 -33.95 9.33
N PHE A 100 -1.28 -32.83 8.89
CA PHE A 100 -1.11 -31.65 9.73
C PHE A 100 -2.30 -30.74 9.65
N GLY A 101 -2.68 -30.21 10.81
CA GLY A 101 -3.74 -29.23 10.93
C GLY A 101 -3.11 -27.85 10.80
N THR A 102 -3.78 -26.84 11.31
CA THR A 102 -3.25 -25.49 11.22
C THR A 102 -2.22 -25.23 12.37
N GLY A 103 -2.30 -26.02 13.43
CA GLY A 103 -1.41 -25.93 14.58
C GLY A 103 -1.63 -24.69 15.43
N THR A 104 -0.68 -24.43 16.35
CA THR A 104 -0.76 -23.28 17.24
C THR A 104 0.48 -22.40 17.13
N LYS A 105 0.27 -21.12 16.80
CA LYS A 105 1.33 -20.11 16.77
C LYS A 105 1.53 -19.66 18.20
N LEU A 106 2.58 -20.15 18.86
CA LEU A 106 2.85 -19.78 20.24
C LEU A 106 3.82 -18.63 20.29
N GLN A 107 3.43 -17.59 21.06
CA GLN A 107 4.23 -16.39 21.28
C GLN A 107 4.59 -16.31 22.75
N VAL A 108 5.89 -16.40 23.05
CA VAL A 108 6.39 -16.33 24.42
C VAL A 108 6.61 -14.84 24.74
N ILE A 109 5.81 -14.31 25.68
CA ILE A 109 5.84 -12.89 26.04
C ILE A 109 6.40 -12.68 27.45
N PRO A 110 7.46 -11.85 27.60
CA PRO A 110 7.99 -11.59 28.95
C PRO A 110 7.22 -10.48 29.67
N ASN A 111 7.36 -10.44 30.99
CA ASN A 111 6.76 -9.36 31.77
C ASN A 111 7.89 -8.41 32.13
N ILE A 112 7.86 -7.18 31.56
CA ILE A 112 8.90 -6.18 31.79
C ILE A 112 8.71 -5.60 33.21
N GLN A 113 9.62 -5.98 34.12
CA GLN A 113 9.61 -5.54 35.53
C GLN A 113 9.92 -4.06 35.65
N ASN A 114 10.86 -3.55 34.82
CA ASN A 114 11.28 -2.16 34.89
C ASN A 114 11.17 -1.51 33.54
N PRO A 115 9.96 -1.13 33.10
CA PRO A 115 9.84 -0.48 31.79
C PRO A 115 10.56 0.87 31.78
N ASP A 116 11.26 1.16 30.69
CA ASP A 116 12.01 2.40 30.50
C ASP A 116 11.77 2.87 29.05
N PRO A 117 10.51 3.18 28.65
CA PRO A 117 10.27 3.57 27.25
C PRO A 117 11.08 4.79 26.84
N ALA A 118 11.72 4.68 25.67
CA ALA A 118 12.58 5.70 25.10
C ALA A 118 12.68 5.56 23.59
N VAL A 119 12.88 6.69 22.90
CA VAL A 119 13.06 6.73 21.45
C VAL A 119 14.45 7.31 21.19
N TYR A 120 15.33 6.50 20.61
CA TYR A 120 16.72 6.88 20.32
C TYR A 120 16.98 7.04 18.83
N GLN A 121 17.95 7.90 18.48
CA GLN A 121 18.37 8.08 17.09
C GLN A 121 19.74 7.46 16.92
N LEU A 122 19.86 6.58 15.91
CA LEU A 122 21.07 5.83 15.60
C LEU A 122 21.63 6.23 14.25
N ARG A 123 22.88 6.73 14.24
CA ARG A 123 23.54 7.13 13.01
C ARG A 123 24.17 5.92 12.30
N ASP A 124 24.17 5.93 10.96
CA ASP A 124 24.77 4.89 10.12
C ASP A 124 26.27 4.86 10.36
N SER A 125 26.82 3.63 10.37
CA SER A 125 28.24 3.33 10.55
C SER A 125 29.11 3.96 9.45
N LYS A 126 28.55 4.16 8.24
CA LYS A 126 29.28 4.70 7.10
C LYS A 126 28.57 5.86 6.38
N SER A 127 27.57 6.52 7.00
CA SER A 127 26.86 7.55 6.22
C SER A 127 26.39 8.80 6.95
N SER A 128 26.01 9.80 6.13
CA SER A 128 25.39 11.08 6.40
C SER A 128 23.94 11.03 5.91
N ASP A 129 22.99 11.59 6.70
CA ASP A 129 21.52 11.61 6.47
C ASP A 129 20.95 10.20 6.43
N LYS A 130 21.52 9.35 7.25
CA LYS A 130 21.08 7.97 7.35
C LYS A 130 20.93 7.67 8.79
N SER A 131 19.67 7.54 9.23
CA SER A 131 19.40 7.29 10.62
C SER A 131 18.10 6.58 10.80
N VAL A 132 18.06 5.79 11.86
CA VAL A 132 16.87 5.07 12.23
C VAL A 132 16.47 5.54 13.59
N CYS A 133 15.23 5.27 13.94
CA CYS A 133 14.67 5.58 15.24
C CYS A 133 14.49 4.27 15.93
N LEU A 134 14.78 4.24 17.21
CA LEU A 134 14.59 3.04 17.97
C LEU A 134 13.72 3.30 19.18
N PHE A 135 12.50 2.74 19.15
CA PHE A 135 11.57 2.78 20.27
C PHE A 135 11.82 1.50 21.03
N THR A 136 12.31 1.61 22.27
CA THR A 136 12.67 0.42 23.04
C THR A 136 12.35 0.55 24.55
N ASP A 137 12.39 -0.59 25.24
CA ASP A 137 12.20 -0.82 26.68
C ASP A 137 10.78 -0.44 27.17
N PHE A 138 9.82 -0.52 26.26
CA PHE A 138 8.40 -0.32 26.57
C PHE A 138 7.83 -1.65 27.04
N ASP A 139 6.80 -1.65 27.93
CA ASP A 139 6.23 -2.90 28.44
C ASP A 139 5.51 -3.68 27.33
N SER A 140 5.32 -5.00 27.55
CA SER A 140 4.73 -5.94 26.60
C SER A 140 3.27 -5.62 26.23
N GLN A 141 2.60 -4.72 27.00
CA GLN A 141 1.23 -4.27 26.76
C GLN A 141 1.18 -3.21 25.64
N THR A 142 2.34 -2.60 25.30
CA THR A 142 2.42 -1.59 24.24
C THR A 142 2.35 -2.26 22.86
N ASN A 143 1.44 -1.77 22.02
CA ASN A 143 1.23 -2.23 20.65
C ASN A 143 1.71 -1.13 19.70
N VAL A 144 2.59 -1.47 18.74
CA VAL A 144 3.16 -0.47 17.82
C VAL A 144 2.46 -0.57 16.44
N SER A 145 1.97 0.59 15.91
CA SER A 145 1.26 0.67 14.63
C SER A 145 2.15 1.18 13.50
N GLN A 146 2.13 0.44 12.37
CA GLN A 146 2.89 0.67 11.14
C GLN A 146 2.41 1.95 10.44
N VAL A 152 7.30 6.50 5.25
CA VAL A 152 7.76 6.29 6.62
C VAL A 152 7.51 4.82 7.00
N TYR A 153 8.58 4.09 7.35
CA TYR A 153 8.49 2.67 7.68
C TYR A 153 8.68 2.41 9.15
N ILE A 154 7.73 1.68 9.75
CA ILE A 154 7.77 1.26 11.15
C ILE A 154 7.68 -0.27 11.19
N THR A 155 8.63 -0.91 11.86
CA THR A 155 8.64 -2.37 12.02
C THR A 155 7.73 -2.72 13.18
N ASP A 156 7.37 -4.00 13.30
CA ASP A 156 6.54 -4.43 14.41
C ASP A 156 7.40 -4.64 15.67
N LYS A 157 6.75 -4.97 16.79
CA LYS A 157 7.40 -5.23 18.06
C LYS A 157 8.30 -6.47 17.94
N CYS A 158 9.46 -6.39 18.58
CA CYS A 158 10.46 -7.45 18.58
C CYS A 158 10.94 -7.62 20.00
N VAL A 159 11.04 -8.89 20.46
CA VAL A 159 11.55 -9.15 21.80
C VAL A 159 12.94 -9.78 21.72
N LEU A 160 13.92 -9.17 22.39
CA LEU A 160 15.27 -9.74 22.45
C LEU A 160 15.52 -10.22 23.89
N ASP A 161 16.47 -11.15 24.05
CA ASP A 161 16.81 -11.71 25.35
C ASP A 161 18.32 -11.70 25.54
N MET A 162 18.80 -10.80 26.42
CA MET A 162 20.20 -10.72 26.83
C MET A 162 20.31 -11.73 27.95
N ARG A 163 20.42 -12.99 27.53
CA ARG A 163 20.39 -14.19 28.35
C ARG A 163 21.32 -14.15 29.54
N SER A 164 22.59 -13.73 29.34
CA SER A 164 23.59 -13.64 30.41
C SER A 164 23.30 -12.53 31.41
N MET A 165 22.37 -11.62 31.08
CA MET A 165 22.01 -10.49 31.93
C MET A 165 20.60 -10.65 32.53
N ASP A 166 19.90 -11.77 32.23
CA ASP A 166 18.54 -12.09 32.72
C ASP A 166 17.59 -10.94 32.34
N PHE A 167 17.84 -10.33 31.16
CA PHE A 167 17.13 -9.17 30.69
C PHE A 167 16.45 -9.39 29.34
N LYS A 168 15.20 -8.92 29.27
CA LYS A 168 14.35 -8.95 28.08
C LYS A 168 13.96 -7.53 27.73
N SER A 169 13.91 -7.21 26.43
CA SER A 169 13.49 -5.88 26.01
C SER A 169 12.69 -5.94 24.72
N ASN A 170 11.73 -5.04 24.61
CA ASN A 170 10.89 -4.86 23.43
C ASN A 170 11.38 -3.68 22.65
N SER A 171 11.28 -3.73 21.31
CA SER A 171 11.69 -2.62 20.47
C SER A 171 11.00 -2.63 19.10
N ALA A 172 10.97 -1.45 18.48
CA ALA A 172 10.42 -1.17 17.16
C ALA A 172 11.34 -0.19 16.46
N VAL A 173 11.58 -0.38 15.16
CA VAL A 173 12.47 0.46 14.38
C VAL A 173 11.67 1.26 13.35
N ALA A 174 12.02 2.55 13.19
CA ALA A 174 11.40 3.44 12.21
C ALA A 174 12.44 4.23 11.43
N TRP A 175 12.24 4.41 10.12
CA TRP A 175 13.16 5.17 9.28
C TRP A 175 12.42 5.75 8.09
N SER A 176 13.05 6.77 7.47
CA SER A 176 12.55 7.49 6.31
C SER A 176 13.69 8.20 5.60
N ASN A 177 13.48 8.51 4.31
CA ASN A 177 14.46 9.20 3.49
C ASN A 177 13.93 10.56 3.07
N PHE A 181 12.19 14.40 8.68
CA PHE A 181 11.77 13.30 9.54
C PHE A 181 12.51 13.37 10.83
N ALA A 182 11.81 13.18 11.94
CA ALA A 182 12.47 13.26 13.23
C ALA A 182 11.85 12.26 14.09
N CYS A 183 12.67 11.47 14.79
CA CYS A 183 12.14 10.39 15.61
C CYS A 183 11.01 10.86 16.53
N ALA A 184 11.11 12.01 17.22
CA ALA A 184 10.02 12.52 18.09
C ALA A 184 8.58 12.28 17.55
N ASN A 185 8.38 12.38 16.20
CA ASN A 185 7.08 12.16 15.58
C ASN A 185 6.97 10.80 14.84
N ALA A 186 7.97 9.92 14.95
CA ALA A 186 8.07 8.64 14.27
C ALA A 186 7.05 7.61 14.77
N PHE A 187 6.91 7.43 16.09
CA PHE A 187 6.04 6.40 16.68
C PHE A 187 4.74 6.97 17.31
N ASN A 188 4.35 8.20 16.94
CA ASN A 188 3.20 8.91 17.51
C ASN A 188 1.81 8.35 17.12
N ASN A 189 1.71 7.51 16.07
CA ASN A 189 0.39 6.99 15.64
C ASN A 189 -0.19 5.98 16.63
N SER A 190 0.63 5.14 17.29
CA SER A 190 0.09 4.25 18.32
C SER A 190 0.44 4.84 19.68
N ILE A 191 -0.32 4.50 20.74
CA ILE A 191 -0.10 5.12 22.06
C ILE A 191 1.19 4.60 22.68
N ILE A 192 2.18 5.48 22.69
CA ILE A 192 3.49 5.25 23.28
C ILE A 192 3.42 5.84 24.70
N PRO A 193 3.93 5.16 25.76
CA PRO A 193 3.82 5.73 27.12
C PRO A 193 4.13 7.23 27.19
N GLU A 194 3.40 7.98 28.03
CA GLU A 194 3.62 9.43 28.18
C GLU A 194 4.99 9.70 28.84
N ASP A 195 5.53 8.69 29.56
CA ASP A 195 6.81 8.69 30.26
C ASP A 195 7.96 8.19 29.36
N THR A 196 7.86 8.42 28.02
CA THR A 196 8.87 8.01 27.05
C THR A 196 9.98 9.07 26.96
N PHE A 197 11.24 8.63 27.14
CA PHE A 197 12.43 9.47 27.06
C PHE A 197 12.73 9.78 25.59
N PHE A 198 12.78 11.08 25.24
CA PHE A 198 13.04 11.54 23.87
C PHE A 198 14.34 12.38 23.82
N PRO A 199 15.53 11.74 23.90
CA PRO A 199 16.78 12.52 23.87
C PRO A 199 17.11 13.16 22.52
N ALA B 2 23.59 -36.21 9.16
CA ALA B 2 22.77 -37.10 9.97
C ALA B 2 21.27 -36.71 9.94
N GLY B 3 20.92 -35.82 9.00
CA GLY B 3 19.56 -35.34 8.80
C GLY B 3 19.12 -35.39 7.35
N VAL B 4 17.89 -34.91 7.07
CA VAL B 4 17.34 -34.87 5.73
C VAL B 4 17.82 -33.56 5.07
N SER B 5 18.44 -33.66 3.89
CA SER B 5 18.92 -32.49 3.16
C SER B 5 18.02 -32.18 1.97
N GLN B 6 17.73 -30.89 1.76
CA GLN B 6 16.92 -30.42 0.65
C GLN B 6 17.65 -29.36 -0.14
N SER B 7 17.66 -29.49 -1.47
CA SER B 7 18.36 -28.55 -2.34
C SER B 7 17.54 -28.26 -3.63
N PRO B 8 17.51 -26.99 -4.09
CA PRO B 8 18.13 -25.80 -3.46
C PRO B 8 17.25 -25.31 -2.31
N ARG B 9 17.85 -24.60 -1.33
CA ARG B 9 17.10 -24.04 -0.20
C ARG B 9 16.03 -23.09 -0.78
N TYR B 10 16.42 -22.15 -1.64
CA TYR B 10 15.47 -21.23 -2.28
C TYR B 10 15.59 -21.33 -3.79
N LYS B 11 14.44 -21.26 -4.48
CA LYS B 11 14.37 -21.33 -5.94
C LYS B 11 13.47 -20.24 -6.50
N VAL B 12 14.04 -19.43 -7.41
CA VAL B 12 13.32 -18.38 -8.14
C VAL B 12 13.04 -18.95 -9.53
N ALA B 13 11.77 -18.99 -9.93
CA ALA B 13 11.38 -19.53 -11.23
C ALA B 13 10.54 -18.56 -12.01
N LYS B 14 10.79 -18.49 -13.32
CA LYS B 14 9.98 -17.69 -14.22
C LYS B 14 8.73 -18.51 -14.53
N ARG B 15 7.57 -17.85 -14.60
CA ARG B 15 6.30 -18.52 -14.90
C ARG B 15 6.39 -19.25 -16.24
N GLY B 16 6.13 -20.55 -16.20
CA GLY B 16 6.14 -21.42 -17.37
C GLY B 16 7.37 -22.29 -17.53
N GLN B 17 8.42 -22.05 -16.72
CA GLN B 17 9.65 -22.87 -16.79
C GLN B 17 9.51 -24.08 -15.84
N ASP B 18 10.34 -25.11 -16.02
CA ASP B 18 10.28 -26.31 -15.19
C ASP B 18 11.25 -26.22 -14.01
N VAL B 19 10.84 -26.74 -12.85
CA VAL B 19 11.69 -26.77 -11.64
C VAL B 19 11.83 -28.20 -11.13
N ALA B 20 12.97 -28.46 -10.47
CA ALA B 20 13.30 -29.73 -9.86
C ALA B 20 13.78 -29.46 -8.45
N LEU B 21 13.19 -30.16 -7.47
CA LEU B 21 13.55 -30.02 -6.06
C LEU B 21 14.04 -31.36 -5.58
N ARG B 22 15.24 -31.38 -5.01
CA ARG B 22 15.90 -32.61 -4.58
C ARG B 22 15.79 -32.81 -3.06
N CYS B 23 15.65 -34.08 -2.66
CA CYS B 23 15.61 -34.49 -1.27
C CYS B 23 16.55 -35.66 -1.04
N ASP B 24 17.42 -35.51 -0.03
CA ASP B 24 18.38 -36.51 0.44
C ASP B 24 17.93 -37.00 1.79
N PRO B 25 17.14 -38.10 1.84
CA PRO B 25 16.68 -38.59 3.14
C PRO B 25 17.80 -39.21 3.97
N ILE B 26 17.52 -39.53 5.25
CA ILE B 26 18.50 -40.19 6.12
C ILE B 26 18.69 -41.61 5.58
N SER B 27 19.96 -42.05 5.47
CA SER B 27 20.35 -43.36 4.96
C SER B 27 19.68 -44.49 5.76
N GLY B 28 19.09 -45.43 5.04
CA GLY B 28 18.42 -46.59 5.62
C GLY B 28 16.94 -46.41 5.86
N HIS B 29 16.42 -45.19 5.67
CA HIS B 29 15.00 -44.88 5.84
C HIS B 29 14.25 -45.30 4.61
N VAL B 30 13.16 -46.05 4.79
CA VAL B 30 12.42 -46.54 3.64
C VAL B 30 11.32 -45.56 3.27
N SER B 31 10.78 -44.82 4.25
CA SER B 31 9.69 -43.93 3.92
C SER B 31 10.21 -42.55 3.56
N LEU B 32 9.65 -41.98 2.48
CA LEU B 32 9.94 -40.63 2.02
C LEU B 32 8.62 -39.94 1.77
N PHE B 33 8.52 -38.69 2.22
CA PHE B 33 7.33 -37.88 2.12
C PHE B 33 7.60 -36.55 1.50
N TRP B 34 6.61 -36.02 0.79
CA TRP B 34 6.66 -34.69 0.21
C TRP B 34 5.46 -33.92 0.72
N TYR B 35 5.70 -32.70 1.19
CA TYR B 35 4.67 -31.81 1.70
C TYR B 35 4.78 -30.46 1.02
N GLN B 36 3.65 -29.78 0.89
CA GLN B 36 3.58 -28.42 0.34
C GLN B 36 3.06 -27.54 1.44
N GLN B 37 3.74 -26.44 1.72
CA GLN B 37 3.33 -25.56 2.81
C GLN B 37 3.27 -24.11 2.35
N ALA B 38 2.08 -23.51 2.44
CA ALA B 38 1.85 -22.10 2.10
C ALA B 38 1.96 -21.21 3.35
N LEU B 39 2.09 -19.89 3.17
CA LEU B 39 2.22 -18.91 4.26
C LEU B 39 1.04 -19.00 5.24
N GLY B 40 1.36 -19.15 6.53
CA GLY B 40 0.39 -19.23 7.61
C GLY B 40 -0.44 -20.49 7.67
N GLN B 41 -0.01 -21.54 6.94
CA GLN B 41 -0.70 -22.83 6.85
C GLN B 41 0.21 -23.98 7.24
N GLY B 42 -0.40 -25.08 7.68
CA GLY B 42 0.33 -26.29 8.03
C GLY B 42 0.77 -27.06 6.81
N PRO B 43 1.78 -27.96 6.92
CA PRO B 43 2.20 -28.74 5.73
C PRO B 43 1.07 -29.64 5.22
N GLU B 44 0.84 -29.60 3.90
CA GLU B 44 -0.18 -30.39 3.21
C GLU B 44 0.50 -31.54 2.49
N PHE B 45 0.03 -32.78 2.72
CA PHE B 45 0.59 -33.98 2.10
C PHE B 45 0.51 -33.91 0.58
N LEU B 46 1.61 -34.31 -0.10
CA LEU B 46 1.71 -34.37 -1.56
C LEU B 46 1.83 -35.80 -2.02
N THR B 47 2.94 -36.47 -1.66
CA THR B 47 3.20 -37.84 -2.07
C THR B 47 4.02 -38.62 -1.03
N TYR B 48 3.95 -39.95 -1.11
CA TYR B 48 4.62 -40.90 -0.23
C TYR B 48 5.31 -41.98 -1.04
N PHE B 49 6.53 -42.33 -0.61
CA PHE B 49 7.37 -43.36 -1.18
C PHE B 49 7.77 -44.37 -0.15
N GLN B 50 7.65 -45.63 -0.50
CA GLN B 50 8.15 -46.74 0.30
C GLN B 50 9.20 -47.37 -0.57
N ASN B 51 10.47 -47.06 -0.27
CA ASN B 51 11.63 -47.41 -1.07
C ASN B 51 11.44 -46.72 -2.43
N GLU B 52 11.45 -47.46 -3.55
CA GLU B 52 11.27 -46.84 -4.86
C GLU B 52 9.78 -46.72 -5.30
N ALA B 53 8.85 -47.43 -4.63
CA ALA B 53 7.44 -47.41 -5.00
C ALA B 53 6.66 -46.21 -4.42
N GLN B 54 6.03 -45.41 -5.31
CA GLN B 54 5.18 -44.27 -4.97
C GLN B 54 3.78 -44.83 -4.67
N LEU B 55 3.55 -45.20 -3.40
CA LEU B 55 2.31 -45.85 -2.97
C LEU B 55 1.14 -44.90 -2.77
N ASP B 56 1.42 -43.62 -2.51
CA ASP B 56 0.36 -42.65 -2.30
C ASP B 56 0.73 -41.32 -2.92
N LYS B 57 -0.10 -40.85 -3.86
CA LYS B 57 0.09 -39.57 -4.55
C LYS B 57 -1.24 -38.82 -4.63
N SER B 58 -2.13 -39.06 -3.63
CA SER B 58 -3.46 -38.47 -3.51
C SER B 58 -3.40 -36.95 -3.24
N GLY B 59 -2.25 -36.45 -2.79
CA GLY B 59 -2.06 -35.04 -2.50
C GLY B 59 -1.47 -34.19 -3.61
N LEU B 60 -0.99 -34.80 -4.72
CA LEU B 60 -0.41 -34.05 -5.83
C LEU B 60 -1.46 -33.14 -6.48
N PRO B 61 -1.16 -31.80 -6.55
CA PRO B 61 -2.18 -30.84 -7.02
C PRO B 61 -2.68 -31.05 -8.43
N SER B 62 -1.79 -31.37 -9.38
CA SER B 62 -2.17 -31.54 -10.78
C SER B 62 -1.19 -32.43 -11.52
N ASP B 63 -1.38 -32.54 -12.83
CA ASP B 63 -0.57 -33.35 -13.74
C ASP B 63 0.87 -32.84 -13.88
N ARG B 64 1.10 -31.53 -13.61
CA ARG B 64 2.41 -30.88 -13.74
C ARG B 64 3.33 -31.34 -12.60
N PHE B 65 2.75 -31.85 -11.50
CA PHE B 65 3.48 -32.34 -10.34
C PHE B 65 3.79 -33.83 -10.51
N PHE B 66 5.09 -34.15 -10.44
CA PHE B 66 5.59 -35.51 -10.60
C PHE B 66 6.80 -35.75 -9.70
N ALA B 67 6.81 -36.89 -8.97
CA ALA B 67 7.90 -37.23 -8.07
C ALA B 67 8.56 -38.57 -8.44
N GLU B 68 9.87 -38.66 -8.16
CA GLU B 68 10.72 -39.82 -8.39
C GLU B 68 11.60 -40.12 -7.19
N ARG B 69 11.82 -41.41 -6.93
CA ARG B 69 12.74 -41.96 -5.94
C ARG B 69 13.20 -43.27 -6.57
N PRO B 70 14.02 -43.20 -7.64
CA PRO B 70 14.33 -44.43 -8.42
C PRO B 70 15.09 -45.54 -7.70
N GLU B 71 15.91 -45.21 -6.70
CA GLU B 71 16.73 -46.22 -6.01
C GLU B 71 16.36 -46.37 -4.53
N GLY B 72 15.19 -45.85 -4.16
CA GLY B 72 14.69 -45.91 -2.79
C GLY B 72 15.45 -45.05 -1.82
N SER B 73 16.10 -43.98 -2.30
CA SER B 73 16.88 -43.06 -1.48
C SER B 73 16.56 -41.61 -1.90
N VAL B 74 17.43 -41.00 -2.72
CA VAL B 74 17.32 -39.63 -3.24
C VAL B 74 16.03 -39.49 -4.05
N SER B 75 15.26 -38.44 -3.74
CA SER B 75 14.00 -38.15 -4.41
C SER B 75 13.99 -36.78 -5.07
N THR B 76 13.28 -36.67 -6.19
CA THR B 76 13.14 -35.41 -6.91
C THR B 76 11.66 -35.10 -7.14
N LEU B 77 11.26 -33.89 -6.80
CA LEU B 77 9.91 -33.38 -7.05
C LEU B 77 10.02 -32.40 -8.19
N LYS B 78 9.39 -32.73 -9.32
CA LYS B 78 9.40 -31.92 -10.53
C LYS B 78 8.06 -31.23 -10.73
N ILE B 79 8.13 -29.92 -10.95
CA ILE B 79 6.96 -29.08 -11.21
C ILE B 79 7.17 -28.48 -12.61
N GLN B 80 6.39 -28.97 -13.59
CA GLN B 80 6.43 -28.53 -14.97
C GLN B 80 5.61 -27.29 -15.16
N ARG B 81 5.99 -26.45 -16.16
CA ARG B 81 5.32 -25.20 -16.56
C ARG B 81 4.78 -24.49 -15.30
N THR B 82 5.69 -24.17 -14.38
N THR B 82 5.71 -24.13 -14.39
CA THR B 82 5.49 -23.57 -13.07
CA THR B 82 5.48 -23.51 -13.08
C THR B 82 4.51 -22.37 -13.12
C THR B 82 4.49 -22.34 -13.13
N GLN B 83 3.54 -22.35 -12.18
CA GLN B 83 2.52 -21.32 -12.03
C GLN B 83 2.69 -20.62 -10.70
N GLN B 84 2.15 -19.39 -10.59
CA GLN B 84 2.22 -18.53 -9.40
C GLN B 84 1.65 -19.21 -8.15
N GLU B 85 0.64 -20.09 -8.31
CA GLU B 85 0.01 -20.82 -7.21
C GLU B 85 0.92 -21.95 -6.65
N ASP B 86 2.00 -22.30 -7.36
CA ASP B 86 2.95 -23.32 -6.92
C ASP B 86 3.97 -22.74 -5.93
N SER B 87 4.00 -21.39 -5.76
CA SER B 87 4.87 -20.71 -4.81
C SER B 87 4.52 -21.12 -3.39
N ALA B 88 5.43 -21.88 -2.76
CA ALA B 88 5.29 -22.43 -1.41
C ALA B 88 6.62 -23.01 -0.92
N VAL B 89 6.62 -23.62 0.28
CA VAL B 89 7.77 -24.32 0.85
C VAL B 89 7.48 -25.81 0.66
N TYR B 90 8.35 -26.49 -0.09
CA TYR B 90 8.20 -27.92 -0.34
C TYR B 90 9.07 -28.64 0.66
N LEU B 91 8.42 -29.36 1.58
CA LEU B 91 9.09 -30.08 2.65
C LEU B 91 9.25 -31.54 2.30
N CYS B 92 10.37 -32.11 2.71
CA CYS B 92 10.64 -33.52 2.54
C CYS B 92 10.88 -34.14 3.89
N ALA B 93 10.32 -35.33 4.10
CA ALA B 93 10.44 -36.06 5.35
C ALA B 93 10.79 -37.52 5.10
N SER B 94 11.46 -38.13 6.08
CA SER B 94 11.81 -39.55 6.02
C SER B 94 11.70 -40.15 7.39
N SER B 95 11.31 -41.42 7.43
CA SER B 95 11.23 -42.18 8.67
C SER B 95 11.62 -43.61 8.38
N LEU B 96 11.81 -44.39 9.45
CA LEU B 96 12.26 -45.75 9.24
C LEU B 96 11.23 -46.82 9.58
N ALA B 97 10.22 -47.01 8.70
CA ALA B 97 9.22 -48.08 8.77
C ALA B 97 8.45 -48.17 10.12
N ARG B 98 7.71 -49.28 10.26
CA ARG B 98 6.90 -49.54 11.44
C ARG B 98 7.63 -50.47 12.35
N ALA B 99 7.93 -49.94 13.57
CA ALA B 99 8.56 -50.62 14.68
C ALA B 99 9.91 -51.25 14.27
N GLN B 100 10.70 -50.52 13.49
CA GLN B 100 12.01 -51.00 13.10
C GLN B 100 13.00 -50.46 14.13
N GLY B 101 13.49 -51.35 14.98
CA GLY B 101 14.49 -50.98 15.96
C GLY B 101 13.98 -50.58 17.32
N ALA B 102 14.91 -50.66 18.28
CA ALA B 102 14.71 -50.32 19.69
C ALA B 102 14.48 -48.84 19.83
N SER B 103 13.54 -48.46 20.72
CA SER B 103 13.16 -47.07 20.98
C SER B 103 12.86 -46.34 19.65
N ASN B 104 11.99 -46.93 18.79
CA ASN B 104 11.71 -46.23 17.55
C ASN B 104 10.46 -45.36 17.79
N THR B 105 10.70 -44.06 17.88
CA THR B 105 9.68 -43.06 18.19
C THR B 105 8.60 -42.95 17.08
N GLY B 106 8.87 -43.51 15.90
CA GLY B 106 7.97 -43.48 14.75
C GLY B 106 7.74 -42.08 14.20
N GLU B 107 8.71 -41.19 14.46
CA GLU B 107 8.67 -39.78 14.07
C GLU B 107 9.09 -39.58 12.62
N LEU B 108 8.68 -38.43 12.04
CA LEU B 108 9.08 -38.00 10.72
C LEU B 108 10.24 -37.04 10.87
N PHE B 109 11.31 -37.27 10.11
CA PHE B 109 12.49 -36.42 10.11
C PHE B 109 12.39 -35.52 8.91
N PHE B 110 12.33 -34.21 9.13
CA PHE B 110 12.17 -33.26 8.04
C PHE B 110 13.46 -32.55 7.65
N GLY B 111 13.51 -32.15 6.37
CA GLY B 111 14.56 -31.31 5.82
C GLY B 111 14.20 -29.87 6.16
N GLU B 112 15.03 -28.91 5.77
CA GLU B 112 14.70 -27.51 6.08
C GLU B 112 13.75 -26.89 5.05
N GLY B 113 13.34 -27.68 4.07
CA GLY B 113 12.42 -27.24 3.04
C GLY B 113 13.08 -26.56 1.86
N SER B 114 12.34 -26.50 0.75
CA SER B 114 12.76 -25.84 -0.48
C SER B 114 11.71 -24.82 -0.82
N ARG B 115 12.00 -23.54 -0.60
CA ARG B 115 11.04 -22.51 -0.91
C ARG B 115 11.11 -22.17 -2.38
N LEU B 116 9.96 -22.27 -3.07
CA LEU B 116 9.84 -21.93 -4.47
C LEU B 116 9.01 -20.66 -4.60
N THR B 117 9.52 -19.70 -5.37
CA THR B 117 8.82 -18.45 -5.63
C THR B 117 8.75 -18.28 -7.14
N VAL B 118 7.52 -18.30 -7.66
CA VAL B 118 7.23 -18.19 -9.08
C VAL B 118 6.89 -16.74 -9.40
N LEU B 119 7.67 -16.15 -10.32
CA LEU B 119 7.52 -14.76 -10.74
C LEU B 119 7.28 -14.68 -12.24
N GLU B 120 6.55 -13.64 -12.67
CA GLU B 120 6.26 -13.41 -14.09
C GLU B 120 7.50 -12.90 -14.81
N ASP B 121 8.27 -12.01 -14.14
CA ASP B 121 9.47 -11.40 -14.69
C ASP B 121 10.60 -11.40 -13.65
N LEU B 122 11.78 -11.88 -14.07
CA LEU B 122 12.97 -11.97 -13.22
C LEU B 122 13.71 -10.61 -13.12
N LYS B 123 13.26 -9.58 -13.88
CA LYS B 123 13.79 -8.21 -13.86
C LYS B 123 13.52 -7.53 -12.51
N ASN B 124 12.60 -8.10 -11.72
CA ASN B 124 12.20 -7.60 -10.41
C ASN B 124 13.04 -8.22 -9.29
N VAL B 125 13.93 -9.20 -9.61
CA VAL B 125 14.79 -9.84 -8.61
C VAL B 125 15.91 -8.84 -8.24
N PHE B 126 16.06 -8.56 -6.93
CA PHE B 126 17.02 -7.61 -6.40
C PHE B 126 17.71 -8.10 -5.12
N PRO B 127 19.04 -7.93 -4.99
CA PRO B 127 19.69 -8.30 -3.73
C PRO B 127 19.50 -7.17 -2.69
N PRO B 128 19.65 -7.45 -1.38
CA PRO B 128 19.49 -6.35 -0.40
C PRO B 128 20.71 -5.48 -0.27
N GLU B 129 20.49 -4.27 0.23
CA GLU B 129 21.50 -3.29 0.61
C GLU B 129 21.53 -3.38 2.12
N VAL B 130 22.72 -3.54 2.71
CA VAL B 130 22.81 -3.74 4.16
C VAL B 130 23.55 -2.58 4.82
N ALA B 131 22.97 -2.05 5.90
CA ALA B 131 23.53 -0.96 6.68
C ALA B 131 23.40 -1.25 8.17
N VAL B 132 24.46 -0.91 8.94
CA VAL B 132 24.50 -1.07 10.40
C VAL B 132 24.45 0.34 11.01
N PHE B 133 23.57 0.51 11.99
CA PHE B 133 23.36 1.76 12.70
C PHE B 133 23.87 1.58 14.12
N GLU B 134 24.87 2.39 14.47
CA GLU B 134 25.59 2.37 15.72
C GLU B 134 24.74 2.76 16.92
N PRO B 135 24.94 2.09 18.08
CA PRO B 135 24.17 2.44 19.29
C PRO B 135 24.22 3.92 19.65
N SER B 136 23.07 4.44 20.07
CA SER B 136 22.89 5.83 20.49
C SER B 136 23.68 6.08 21.78
N GLU B 137 24.33 7.26 21.86
CA GLU B 137 25.11 7.69 23.02
C GLU B 137 24.19 7.91 24.22
N ALA B 138 22.93 8.31 23.97
CA ALA B 138 21.92 8.53 24.98
C ALA B 138 21.45 7.20 25.58
N GLU B 139 21.40 6.12 24.77
CA GLU B 139 21.02 4.78 25.19
C GLU B 139 22.05 4.22 26.17
N ILE B 140 23.35 4.39 25.85
CA ILE B 140 24.47 3.93 26.65
C ILE B 140 24.44 4.64 28.01
N SER B 141 24.18 5.97 28.02
CA SER B 141 24.17 6.69 29.30
C SER B 141 22.84 6.50 30.06
N HIS B 142 21.72 6.16 29.37
CA HIS B 142 20.45 5.94 30.06
C HIS B 142 20.33 4.51 30.59
N THR B 143 20.84 3.50 29.86
CA THR B 143 20.66 2.09 30.24
C THR B 143 21.94 1.25 30.43
N GLN B 144 23.11 1.73 29.91
CA GLN B 144 24.41 1.01 29.92
C GLN B 144 24.32 -0.21 28.98
N LYS B 145 23.43 -0.12 27.98
CA LYS B 145 23.19 -1.12 26.96
C LYS B 145 23.36 -0.48 25.61
N ALA B 146 23.76 -1.28 24.62
CA ALA B 146 24.02 -0.78 23.29
C ALA B 146 23.29 -1.60 22.25
N THR B 147 22.33 -0.98 21.55
CA THR B 147 21.57 -1.67 20.51
C THR B 147 22.09 -1.27 19.15
N LEU B 148 22.54 -2.28 18.40
CA LEU B 148 22.97 -2.13 17.02
C LEU B 148 21.77 -2.48 16.16
N VAL B 149 21.47 -1.66 15.16
CA VAL B 149 20.31 -1.91 14.29
C VAL B 149 20.83 -2.18 12.90
N CYS B 150 20.33 -3.25 12.29
CA CYS B 150 20.68 -3.60 10.93
C CYS B 150 19.47 -3.46 10.03
N LEU B 151 19.67 -2.88 8.85
CA LEU B 151 18.62 -2.70 7.85
C LEU B 151 19.00 -3.35 6.53
N ALA B 152 18.18 -4.32 6.10
CA ALA B 152 18.29 -4.97 4.80
C ALA B 152 17.20 -4.37 3.93
N THR B 153 17.55 -3.67 2.85
CA THR B 153 16.55 -2.96 2.04
C THR B 153 16.63 -3.26 0.54
N GLY B 154 15.50 -3.03 -0.14
CA GLY B 154 15.36 -3.16 -1.59
C GLY B 154 15.59 -4.54 -2.16
N PHE B 155 15.22 -5.60 -1.41
CA PHE B 155 15.40 -6.96 -1.89
C PHE B 155 14.11 -7.57 -2.37
N TYR B 156 14.19 -8.36 -3.44
CA TYR B 156 13.06 -9.06 -4.01
C TYR B 156 13.53 -10.36 -4.70
N PRO B 157 12.92 -11.53 -4.45
CA PRO B 157 11.78 -11.80 -3.54
C PRO B 157 12.21 -11.88 -2.07
N ASP B 158 11.30 -12.33 -1.18
CA ASP B 158 11.59 -12.48 0.25
C ASP B 158 12.39 -13.77 0.49
N HIS B 159 13.64 -13.77 0.04
CA HIS B 159 14.57 -14.90 0.13
C HIS B 159 15.80 -14.46 0.91
N VAL B 160 15.60 -14.18 2.21
CA VAL B 160 16.69 -13.70 3.05
C VAL B 160 16.81 -14.46 4.35
N GLU B 161 18.04 -14.43 4.88
CA GLU B 161 18.51 -14.98 6.14
C GLU B 161 19.35 -13.92 6.78
N LEU B 162 18.88 -13.30 7.87
CA LEU B 162 19.68 -12.29 8.54
C LEU B 162 20.35 -12.91 9.75
N SER B 163 21.65 -12.64 9.97
CA SER B 163 22.40 -13.13 11.13
C SER B 163 23.43 -12.10 11.59
N TRP B 164 23.74 -12.11 12.90
CA TRP B 164 24.72 -11.21 13.52
C TRP B 164 26.00 -11.97 13.80
N TRP B 165 27.14 -11.30 13.59
CA TRP B 165 28.47 -11.88 13.74
C TRP B 165 29.36 -10.98 14.58
N VAL B 166 29.80 -11.49 15.74
CA VAL B 166 30.68 -10.75 16.64
C VAL B 166 32.02 -11.48 16.71
N ASN B 167 33.06 -10.85 16.13
CA ASN B 167 34.45 -11.32 16.07
C ASN B 167 34.55 -12.68 15.33
N GLY B 168 33.84 -12.79 14.21
CA GLY B 168 33.82 -13.98 13.34
C GLY B 168 32.96 -15.14 13.83
N LYS B 169 32.25 -14.95 14.95
CA LYS B 169 31.38 -15.97 15.52
C LYS B 169 29.94 -15.48 15.55
N GLU B 170 28.99 -16.34 15.17
CA GLU B 170 27.57 -16.00 15.15
C GLU B 170 27.03 -15.85 16.57
N VAL B 171 26.23 -14.79 16.79
CA VAL B 171 25.60 -14.53 18.08
C VAL B 171 24.09 -14.63 17.93
N HIS B 172 23.44 -15.20 18.94
CA HIS B 172 21.99 -15.40 18.99
C HIS B 172 21.39 -14.65 20.18
N SER B 173 22.17 -14.48 21.27
CA SER B 173 21.75 -13.77 22.47
C SER B 173 21.67 -12.26 22.20
N GLY B 174 20.60 -11.65 22.70
CA GLY B 174 20.32 -10.23 22.52
C GLY B 174 19.97 -9.84 21.10
N VAL B 175 19.50 -10.81 20.30
CA VAL B 175 19.15 -10.63 18.89
C VAL B 175 17.65 -10.80 18.66
N CYS B 176 17.08 -9.87 17.88
CA CYS B 176 15.69 -9.97 17.43
C CYS B 176 15.58 -9.42 16.02
N THR B 177 15.26 -10.31 15.08
CA THR B 177 15.02 -9.99 13.66
C THR B 177 13.51 -10.02 13.49
N ASP B 178 12.97 -9.13 12.64
CA ASP B 178 11.54 -9.06 12.36
C ASP B 178 11.05 -10.42 11.81
N PRO B 179 9.96 -11.00 12.37
CA PRO B 179 9.50 -12.32 11.89
C PRO B 179 9.06 -12.32 10.42
N GLN B 180 8.77 -11.13 9.85
CA GLN B 180 8.39 -10.95 8.45
C GLN B 180 8.87 -9.56 7.95
N PRO B 181 9.15 -9.39 6.64
CA PRO B 181 9.62 -8.09 6.16
C PRO B 181 8.50 -7.10 5.81
N LEU B 182 8.88 -5.83 5.59
CA LEU B 182 7.98 -4.76 5.19
C LEU B 182 8.06 -4.52 3.70
N LYS B 183 6.92 -4.26 3.05
CA LYS B 183 6.91 -3.89 1.64
C LYS B 183 7.27 -2.41 1.58
N GLU B 184 8.30 -2.06 0.78
CA GLU B 184 8.75 -0.67 0.65
C GLU B 184 7.68 0.17 -0.05
N GLN B 185 6.90 -0.48 -0.94
CA GLN B 185 5.80 0.13 -1.66
C GLN B 185 4.58 -0.79 -1.56
N PRO B 186 3.76 -0.67 -0.48
CA PRO B 186 2.59 -1.55 -0.34
C PRO B 186 1.51 -1.35 -1.41
N ALA B 187 1.50 -0.19 -2.09
CA ALA B 187 0.57 0.09 -3.18
C ALA B 187 1.09 -0.47 -4.54
N LEU B 188 2.16 -1.31 -4.49
CA LEU B 188 2.75 -1.94 -5.67
C LEU B 188 2.85 -3.45 -5.48
N ASN B 189 2.62 -4.19 -6.57
CA ASN B 189 2.73 -5.64 -6.55
C ASN B 189 4.14 -6.03 -6.89
N ASP B 190 4.64 -7.06 -6.19
CA ASP B 190 6.00 -7.57 -6.32
C ASP B 190 6.97 -6.42 -5.94
N SER B 191 6.57 -5.70 -4.87
CA SER B 191 7.34 -4.59 -4.33
C SER B 191 8.50 -5.15 -3.53
N ARG B 192 9.58 -4.37 -3.45
CA ARG B 192 10.78 -4.75 -2.75
C ARG B 192 10.59 -4.66 -1.24
N TYR B 193 11.35 -5.48 -0.52
CA TYR B 193 11.22 -5.58 0.91
C TYR B 193 12.34 -4.90 1.69
N ALA B 194 12.04 -4.69 2.97
CA ALA B 194 12.91 -4.14 3.99
C ALA B 194 12.77 -4.97 5.24
N LEU B 195 13.89 -5.32 5.87
CA LEU B 195 13.92 -6.13 7.09
C LEU B 195 14.89 -5.52 8.09
N SER B 196 14.47 -5.46 9.37
CA SER B 196 15.30 -4.92 10.44
C SER B 196 15.62 -5.99 11.48
N SER B 197 16.72 -5.77 12.22
CA SER B 197 17.19 -6.64 13.28
C SER B 197 17.96 -5.86 14.32
N ARG B 198 17.98 -6.35 15.56
CA ARG B 198 18.71 -5.70 16.64
C ARG B 198 19.69 -6.64 17.28
N LEU B 199 20.82 -6.09 17.73
CA LEU B 199 21.81 -6.80 18.52
C LEU B 199 22.10 -5.92 19.71
N ARG B 200 21.63 -6.35 20.89
CA ARG B 200 21.85 -5.58 22.10
C ARG B 200 22.92 -6.24 22.94
N VAL B 201 23.98 -5.48 23.19
CA VAL B 201 25.14 -5.88 23.98
C VAL B 201 25.28 -4.91 25.15
N SER B 202 26.20 -5.20 26.09
CA SER B 202 26.51 -4.29 27.19
C SER B 202 27.30 -3.14 26.61
N ALA B 203 27.10 -1.90 27.10
CA ALA B 203 27.80 -0.70 26.62
C ALA B 203 29.32 -0.86 26.68
N THR B 204 29.84 -1.57 27.71
CA THR B 204 31.27 -1.87 27.89
C THR B 204 31.79 -2.69 26.69
N PHE B 205 30.99 -3.67 26.21
CA PHE B 205 31.35 -4.53 25.09
C PHE B 205 31.38 -3.73 23.78
N TRP B 206 30.42 -2.78 23.61
CA TRP B 206 30.36 -1.94 22.43
C TRP B 206 31.46 -0.87 22.44
N GLN B 207 31.83 -0.37 23.63
CA GLN B 207 32.85 0.68 23.74
C GLN B 207 34.29 0.17 23.53
N ASN B 208 34.48 -1.16 23.34
CA ASN B 208 35.79 -1.73 23.03
C ASN B 208 36.02 -1.57 21.50
N PRO B 209 37.00 -0.74 21.04
CA PRO B 209 37.17 -0.54 19.59
C PRO B 209 37.80 -1.72 18.83
N ARG B 210 38.24 -2.76 19.55
CA ARG B 210 38.81 -3.97 18.95
C ARG B 210 37.71 -5.00 18.66
N ASN B 211 36.49 -4.78 19.20
CA ASN B 211 35.35 -5.67 18.96
C ASN B 211 34.75 -5.38 17.59
N HIS B 212 34.61 -6.43 16.79
CA HIS B 212 34.08 -6.37 15.43
C HIS B 212 32.65 -6.88 15.39
N PHE B 213 31.77 -6.10 14.78
CA PHE B 213 30.35 -6.38 14.63
C PHE B 213 30.00 -6.45 13.16
N ARG B 214 29.20 -7.44 12.77
CA ARG B 214 28.81 -7.58 11.37
C ARG B 214 27.39 -8.12 11.25
N CYS B 215 26.61 -7.45 10.41
CA CYS B 215 25.27 -7.90 10.09
C CYS B 215 25.34 -8.56 8.72
N GLN B 216 25.01 -9.84 8.67
CA GLN B 216 25.03 -10.60 7.45
C GLN B 216 23.63 -10.87 6.95
N VAL B 217 23.42 -10.66 5.66
CA VAL B 217 22.15 -10.97 5.02
C VAL B 217 22.46 -11.92 3.87
N GLN B 218 22.06 -13.18 4.04
CA GLN B 218 22.22 -14.21 3.03
C GLN B 218 21.00 -14.12 2.12
N PHE B 219 21.24 -13.75 0.86
CA PHE B 219 20.19 -13.58 -0.14
C PHE B 219 20.20 -14.73 -1.13
N TYR B 220 19.02 -15.08 -1.63
CA TYR B 220 18.82 -16.14 -2.61
C TYR B 220 18.10 -15.56 -3.81
N GLY B 221 18.79 -15.50 -4.94
CA GLY B 221 18.24 -14.96 -6.17
C GLY B 221 18.29 -15.95 -7.29
N LEU B 222 18.95 -15.58 -8.38
CA LEU B 222 19.08 -16.42 -9.56
C LEU B 222 20.27 -17.37 -9.46
N SER B 223 20.19 -18.49 -10.20
CA SER B 223 21.24 -19.50 -10.33
C SER B 223 22.06 -19.20 -11.59
N GLU B 224 23.07 -20.05 -11.91
CA GLU B 224 23.92 -19.85 -13.10
C GLU B 224 23.19 -20.01 -14.41
N ASN B 225 22.22 -20.95 -14.46
CA ASN B 225 21.42 -21.30 -15.65
C ASN B 225 20.46 -20.18 -16.07
N ASP B 226 19.97 -19.36 -15.11
CA ASP B 226 19.10 -18.21 -15.39
C ASP B 226 19.85 -17.19 -16.26
N GLU B 227 19.22 -16.72 -17.34
CA GLU B 227 19.83 -15.76 -18.25
C GLU B 227 19.70 -14.34 -17.71
N TRP B 228 20.77 -13.54 -17.84
CA TRP B 228 20.76 -12.16 -17.38
C TRP B 228 21.27 -11.25 -18.48
N THR B 229 20.40 -10.33 -18.90
CA THR B 229 20.66 -9.40 -19.99
C THR B 229 20.51 -7.93 -19.52
N GLN B 230 20.27 -7.71 -18.22
CA GLN B 230 20.14 -6.33 -17.72
C GLN B 230 21.53 -5.70 -17.57
N ASP B 231 21.60 -4.37 -17.46
CA ASP B 231 22.87 -3.66 -17.35
C ASP B 231 23.38 -3.61 -15.91
N ARG B 232 22.58 -4.10 -14.94
CA ARG B 232 22.99 -4.17 -13.54
C ARG B 232 23.52 -5.59 -13.25
N ALA B 233 24.27 -5.73 -12.15
CA ALA B 233 24.84 -7.02 -11.73
C ALA B 233 23.73 -8.04 -11.49
N LYS B 234 23.91 -9.26 -12.03
CA LYS B 234 22.96 -10.37 -11.91
C LYS B 234 22.60 -10.59 -10.44
N PRO B 235 21.30 -10.59 -10.08
CA PRO B 235 20.94 -10.78 -8.65
C PRO B 235 21.03 -12.27 -8.27
N VAL B 236 22.27 -12.75 -8.15
CA VAL B 236 22.60 -14.13 -7.80
C VAL B 236 22.47 -14.34 -6.29
N THR B 237 22.50 -15.62 -5.87
CA THR B 237 22.51 -16.02 -4.47
C THR B 237 23.85 -15.50 -3.93
N GLN B 238 23.80 -14.60 -2.93
CA GLN B 238 24.99 -13.97 -2.37
C GLN B 238 24.77 -13.52 -0.93
N ILE B 239 25.86 -13.18 -0.24
CA ILE B 239 25.88 -12.62 1.11
C ILE B 239 26.23 -11.14 0.98
N VAL B 240 25.42 -10.26 1.60
CA VAL B 240 25.66 -8.82 1.65
C VAL B 240 25.81 -8.47 3.14
N SER B 241 26.95 -7.89 3.51
CA SER B 241 27.25 -7.54 4.91
C SER B 241 27.45 -6.04 5.13
N ALA B 242 27.37 -5.64 6.40
CA ALA B 242 27.64 -4.30 6.92
C ALA B 242 28.39 -4.48 8.24
N GLU B 243 29.58 -3.91 8.31
CA GLU B 243 30.47 -4.07 9.45
C GLU B 243 30.63 -2.79 10.25
N ALA B 244 31.00 -2.95 11.54
CA ALA B 244 31.24 -1.85 12.46
C ALA B 244 32.16 -2.26 13.59
N TRP B 245 33.12 -1.38 13.93
CA TRP B 245 34.02 -1.54 15.07
C TRP B 245 33.34 -0.92 16.27
N GLY B 246 33.79 -1.30 17.46
CA GLY B 246 33.30 -0.70 18.69
C GLY B 246 33.75 0.74 18.82
N ARG B 247 32.99 1.57 19.53
CA ARG B 247 33.32 2.98 19.66
C ARG B 247 33.42 3.40 21.12
N ALA B 248 34.65 3.78 21.57
CA ALA B 248 34.95 4.22 22.94
C ALA B 248 34.37 5.61 23.23
N ASP B 249 33.96 5.84 24.51
CA ASP B 249 33.40 7.08 25.13
C ASP B 249 32.39 6.70 26.24
N LYS C 3 6.09 12.80 -28.96
CA LYS C 3 7.34 13.46 -29.29
C LYS C 3 7.17 15.01 -29.24
N THR C 4 6.35 15.48 -28.29
CA THR C 4 6.12 16.89 -27.99
C THR C 4 6.64 17.16 -26.59
N THR C 5 7.08 18.39 -26.33
CA THR C 5 7.54 18.77 -25.00
C THR C 5 6.79 20.03 -24.58
N GLN C 6 6.31 20.03 -23.34
CA GLN C 6 5.55 21.14 -22.75
C GLN C 6 5.99 21.38 -21.32
N PRO C 7 5.91 22.62 -20.78
CA PRO C 7 6.22 22.81 -19.35
C PRO C 7 5.10 22.17 -18.50
N PRO C 8 5.42 21.32 -17.49
CA PRO C 8 4.37 20.61 -16.75
C PRO C 8 3.31 21.48 -16.07
N SER C 9 3.69 22.66 -15.57
CA SER C 9 2.73 23.58 -14.94
C SER C 9 3.05 25.02 -15.30
N MET C 10 2.01 25.87 -15.32
CA MET C 10 2.12 27.27 -15.71
C MET C 10 0.98 28.10 -15.14
N ASP C 11 1.31 29.31 -14.68
CA ASP C 11 0.32 30.28 -14.23
C ASP C 11 0.14 31.32 -15.32
N CYS C 12 -1.07 31.85 -15.45
CA CYS C 12 -1.33 32.91 -16.43
C CYS C 12 -2.25 33.94 -15.81
N ALA C 13 -2.25 35.15 -16.36
CA ALA C 13 -3.08 36.24 -15.85
C ALA C 13 -4.53 36.08 -16.31
N GLU C 14 -5.48 36.24 -15.39
CA GLU C 14 -6.91 36.18 -15.66
C GLU C 14 -7.30 37.47 -16.39
N GLY C 15 -8.20 37.34 -17.35
CA GLY C 15 -8.71 38.47 -18.12
C GLY C 15 -7.82 38.87 -19.28
N ARG C 16 -6.79 38.07 -19.55
CA ARG C 16 -5.82 38.28 -20.62
C ARG C 16 -5.73 37.06 -21.50
N ALA C 17 -5.16 37.21 -22.70
CA ALA C 17 -4.94 36.08 -23.60
C ALA C 17 -3.81 35.23 -23.04
N ALA C 18 -4.01 33.91 -22.97
CA ALA C 18 -2.99 33.03 -22.43
C ALA C 18 -2.26 32.29 -23.55
N ASN C 19 -0.90 32.33 -23.51
CA ASN C 19 -0.05 31.66 -24.48
C ASN C 19 0.46 30.36 -23.89
N LEU C 20 0.24 29.26 -24.60
CA LEU C 20 0.68 27.94 -24.15
C LEU C 20 1.68 27.37 -25.15
N PRO C 21 2.97 27.27 -24.76
CA PRO C 21 3.98 26.79 -25.70
C PRO C 21 4.07 25.26 -25.80
N CYS C 22 4.51 24.80 -26.97
CA CYS C 22 4.73 23.40 -27.29
C CYS C 22 5.90 23.29 -28.24
N ASN C 23 6.71 22.26 -28.04
CA ASN C 23 7.86 22.00 -28.89
C ASN C 23 7.75 20.62 -29.51
N HIS C 24 7.89 20.55 -30.84
CA HIS C 24 7.81 19.31 -31.63
C HIS C 24 8.80 19.40 -32.79
N SER C 25 10.08 19.34 -32.42
CA SER C 25 11.23 19.50 -33.32
C SER C 25 11.30 18.50 -34.46
N THR C 26 10.91 17.23 -34.19
CA THR C 26 11.00 16.16 -35.14
C THR C 26 9.64 15.90 -35.79
N ILE C 27 8.90 16.98 -36.06
CA ILE C 27 7.60 16.88 -36.71
C ILE C 27 7.82 16.52 -38.21
N SER C 28 6.88 15.76 -38.75
CA SER C 28 6.86 15.32 -40.14
C SER C 28 5.95 16.27 -40.93
N GLY C 29 6.02 16.19 -42.26
CA GLY C 29 5.18 16.99 -43.15
C GLY C 29 3.74 16.53 -43.11
N ASN C 30 3.50 15.24 -42.80
CA ASN C 30 2.19 14.59 -42.74
C ASN C 30 1.53 14.80 -41.40
N GLU C 31 2.32 15.10 -40.37
CA GLU C 31 1.87 15.27 -39.01
C GLU C 31 1.24 16.61 -38.72
N TYR C 32 0.13 16.55 -37.99
CA TYR C 32 -0.64 17.69 -37.58
C TYR C 32 -0.38 18.00 -36.12
N VAL C 33 -0.60 19.25 -35.71
CA VAL C 33 -0.44 19.64 -34.31
C VAL C 33 -1.83 19.74 -33.71
N TYR C 34 -2.13 18.92 -32.70
CA TYR C 34 -3.43 18.94 -32.01
C TYR C 34 -3.31 19.41 -30.60
N TRP C 35 -4.34 20.12 -30.12
CA TRP C 35 -4.41 20.58 -28.75
C TRP C 35 -5.68 20.06 -28.11
N TYR C 36 -5.52 19.39 -26.96
CA TYR C 36 -6.62 18.82 -26.18
C TYR C 36 -6.64 19.46 -24.81
N ARG C 37 -7.84 19.61 -24.24
CA ARG C 37 -8.03 20.17 -22.92
C ARG C 37 -8.69 19.16 -22.02
N GLN C 38 -8.18 19.01 -20.81
CA GLN C 38 -8.79 18.10 -19.86
C GLN C 38 -9.05 18.81 -18.55
N ILE C 39 -10.35 18.96 -18.22
CA ILE C 39 -10.81 19.53 -16.97
C ILE C 39 -10.73 18.39 -15.94
N HIS C 40 -10.54 18.73 -14.65
CA HIS C 40 -10.45 17.76 -13.57
C HIS C 40 -11.70 16.88 -13.52
N SER C 41 -11.52 15.53 -13.36
CA SER C 41 -12.55 14.48 -13.29
C SER C 41 -13.38 14.37 -14.62
N GLN C 42 -12.78 14.82 -15.74
CA GLN C 42 -13.37 14.83 -17.08
C GLN C 42 -12.40 14.20 -18.09
N GLY C 43 -12.88 13.89 -19.29
CA GLY C 43 -12.05 13.31 -20.34
C GLY C 43 -11.44 14.38 -21.24
N PRO C 44 -10.30 14.09 -21.95
CA PRO C 44 -9.72 15.11 -22.85
C PRO C 44 -10.70 15.55 -23.93
N GLN C 45 -10.64 16.82 -24.30
CA GLN C 45 -11.53 17.41 -25.30
C GLN C 45 -10.74 18.19 -26.32
N TYR C 46 -11.02 17.93 -27.60
CA TYR C 46 -10.38 18.60 -28.73
C TYR C 46 -10.65 20.11 -28.71
N ILE C 47 -9.61 20.91 -28.99
CA ILE C 47 -9.70 22.36 -29.05
C ILE C 47 -9.50 22.84 -30.49
N ILE C 48 -8.30 22.59 -31.03
CA ILE C 48 -7.87 23.04 -32.35
C ILE C 48 -6.77 22.12 -32.89
N HIS C 49 -6.56 22.19 -34.20
CA HIS C 49 -5.50 21.49 -34.90
C HIS C 49 -5.12 22.28 -36.14
N GLY C 50 -3.88 22.11 -36.57
CA GLY C 50 -3.32 22.77 -37.73
C GLY C 50 -2.20 21.98 -38.34
N LEU C 51 -1.78 22.38 -39.55
CA LEU C 51 -0.69 21.74 -40.28
C LEU C 51 0.50 22.70 -40.32
N LYS C 52 0.40 23.77 -41.12
CA LYS C 52 1.42 24.81 -41.26
C LYS C 52 0.80 26.18 -41.01
N ASN C 53 -0.42 26.38 -41.53
CA ASN C 53 -1.21 27.60 -41.42
C ASN C 53 -1.68 27.86 -40.00
N ASN C 54 -1.80 29.16 -39.67
CA ASN C 54 -2.33 29.58 -38.38
C ASN C 54 -3.83 29.35 -38.37
N GLU C 55 -4.35 28.78 -37.28
CA GLU C 55 -5.77 28.46 -37.19
C GLU C 55 -6.45 29.25 -36.08
N THR C 56 -7.74 29.54 -36.27
CA THR C 56 -8.55 30.27 -35.30
C THR C 56 -9.98 29.74 -35.36
N ASN C 57 -10.49 29.37 -34.20
CA ASN C 57 -11.87 28.94 -33.99
C ASN C 57 -12.39 29.64 -32.74
N GLU C 58 -13.65 29.39 -32.37
CA GLU C 58 -14.31 29.98 -31.22
C GLU C 58 -13.53 29.77 -29.90
N MET C 59 -12.92 28.57 -29.73
CA MET C 59 -12.21 28.16 -28.54
C MET C 59 -10.80 28.77 -28.40
N ALA C 60 -9.97 28.75 -29.46
CA ALA C 60 -8.60 29.26 -29.38
C ALA C 60 -7.99 29.57 -30.74
N SER C 61 -6.73 30.04 -30.71
CA SER C 61 -5.87 30.31 -31.86
C SER C 61 -4.68 29.38 -31.78
N LEU C 62 -4.18 28.92 -32.94
CA LEU C 62 -3.01 28.04 -33.01
C LEU C 62 -2.00 28.65 -33.96
N ILE C 63 -0.82 29.02 -33.43
CA ILE C 63 0.24 29.62 -34.21
C ILE C 63 1.38 28.61 -34.35
N ILE C 64 1.62 28.16 -35.57
CA ILE C 64 2.70 27.23 -35.88
C ILE C 64 3.81 28.03 -36.57
N THR C 65 5.07 27.83 -36.14
CA THR C 65 6.23 28.51 -36.72
C THR C 65 6.43 28.00 -38.16
N GLU C 66 7.18 28.75 -38.97
CA GLU C 66 7.44 28.42 -40.38
C GLU C 66 8.29 27.15 -40.51
N ASP C 67 9.24 26.93 -39.57
CA ASP C 67 10.08 25.73 -39.54
C ASP C 67 9.30 24.55 -38.95
N ARG C 68 8.10 24.86 -38.38
CA ARG C 68 7.09 23.97 -37.78
C ARG C 68 7.62 23.21 -36.55
N LYS C 69 8.76 23.64 -35.97
CA LYS C 69 9.38 23.00 -34.81
C LYS C 69 8.67 23.31 -33.50
N SER C 70 7.89 24.40 -33.44
CA SER C 70 7.16 24.77 -32.24
C SER C 70 5.82 25.41 -32.59
N SER C 71 4.86 25.35 -31.64
CA SER C 71 3.52 25.90 -31.78
C SER C 71 3.05 26.57 -30.50
N THR C 72 2.12 27.53 -30.62
CA THR C 72 1.55 28.23 -29.48
C THR C 72 0.03 28.14 -29.53
N LEU C 73 -0.58 27.72 -28.41
CA LEU C 73 -2.02 27.72 -28.25
C LEU C 73 -2.38 29.03 -27.56
N ILE C 74 -3.25 29.83 -28.18
CA ILE C 74 -3.62 31.10 -27.57
C ILE C 74 -5.10 31.08 -27.21
N LEU C 75 -5.39 31.11 -25.91
CA LEU C 75 -6.75 31.21 -25.39
C LEU C 75 -7.10 32.71 -25.44
N PRO C 76 -8.20 33.12 -26.10
CA PRO C 76 -8.46 34.57 -26.27
C PRO C 76 -8.61 35.39 -24.98
N HIS C 77 -9.25 34.83 -23.95
CA HIS C 77 -9.49 35.51 -22.69
C HIS C 77 -9.55 34.48 -21.57
N ALA C 78 -8.42 34.34 -20.83
CA ALA C 78 -8.29 33.36 -19.75
C ALA C 78 -9.19 33.69 -18.55
N THR C 79 -10.10 32.76 -18.25
CA THR C 79 -11.03 32.82 -17.11
C THR C 79 -10.73 31.64 -16.20
N LEU C 80 -11.33 31.61 -15.00
CA LEU C 80 -11.16 30.52 -14.03
C LEU C 80 -11.61 29.15 -14.60
N ARG C 81 -12.47 29.17 -15.64
CA ARG C 81 -12.97 27.99 -16.33
C ARG C 81 -11.91 27.39 -17.28
N ASP C 82 -10.86 28.18 -17.61
CA ASP C 82 -9.76 27.75 -18.47
C ASP C 82 -8.65 27.04 -17.67
N THR C 83 -8.83 26.88 -16.33
CA THR C 83 -7.90 26.15 -15.46
C THR C 83 -8.10 24.67 -15.76
N ALA C 84 -7.15 24.09 -16.51
CA ALA C 84 -7.16 22.69 -16.94
C ALA C 84 -5.78 22.24 -17.40
N VAL C 85 -5.67 20.98 -17.83
CA VAL C 85 -4.45 20.42 -18.38
C VAL C 85 -4.59 20.50 -19.90
N TYR C 86 -3.57 21.05 -20.57
CA TYR C 86 -3.57 21.20 -22.02
C TYR C 86 -2.52 20.30 -22.64
N TYR C 87 -2.96 19.42 -23.55
CA TYR C 87 -2.11 18.46 -24.23
C TYR C 87 -1.86 18.84 -25.66
N CYS C 88 -0.58 19.05 -25.99
CA CYS C 88 -0.13 19.30 -27.34
C CYS C 88 0.41 17.98 -27.86
N ILE C 89 -0.23 17.47 -28.92
CA ILE C 89 0.17 16.18 -29.49
C ILE C 89 0.40 16.35 -30.99
N VAL C 90 1.20 15.45 -31.56
CA VAL C 90 1.49 15.42 -32.99
C VAL C 90 0.92 14.13 -33.54
N ARG C 91 0.12 14.26 -34.60
CA ARG C 91 -0.55 13.11 -35.18
C ARG C 91 -0.49 13.12 -36.68
N VAL C 92 -0.20 11.96 -37.26
CA VAL C 92 -0.14 11.80 -38.71
C VAL C 92 -1.59 11.84 -39.23
N ALA C 93 -1.80 12.44 -40.42
CA ALA C 93 -3.12 12.58 -41.08
C ALA C 93 -3.87 11.25 -41.11
N TYR C 94 -3.09 10.18 -41.27
CA TYR C 94 -3.48 8.79 -41.40
C TYR C 94 -3.50 8.04 -40.06
N ARG C 95 -2.62 8.42 -39.11
CA ARG C 95 -2.53 7.83 -37.77
C ARG C 95 -3.84 8.08 -37.03
N GLN C 96 -4.27 7.11 -36.23
CA GLN C 96 -5.52 7.21 -35.48
C GLN C 96 -5.21 7.56 -34.04
N LYS C 97 -4.36 6.70 -33.45
CA LYS C 97 -3.85 6.69 -32.10
C LYS C 97 -3.14 7.98 -31.73
N VAL C 98 -3.39 8.47 -30.52
CA VAL C 98 -2.79 9.70 -29.99
C VAL C 98 -1.91 9.34 -28.79
N THR C 99 -0.64 9.77 -28.83
CA THR C 99 0.28 9.57 -27.72
C THR C 99 0.33 10.86 -26.94
N PHE C 100 -0.20 10.84 -25.71
CA PHE C 100 -0.23 12.00 -24.84
C PHE C 100 1.03 12.09 -24.00
N GLY C 101 1.53 13.31 -23.88
CA GLY C 101 2.67 13.62 -23.03
C GLY C 101 2.14 13.96 -21.65
N THR C 102 2.93 14.70 -20.87
CA THR C 102 2.49 15.09 -19.54
C THR C 102 1.56 16.32 -19.60
N GLY C 103 1.64 17.08 -20.70
CA GLY C 103 0.82 18.28 -20.91
C GLY C 103 1.19 19.44 -20.02
N THR C 104 0.33 20.47 -19.98
CA THR C 104 0.56 21.66 -19.16
C THR C 104 -0.63 21.91 -18.23
N LYS C 105 -0.35 21.95 -16.92
CA LYS C 105 -1.32 22.30 -15.89
C LYS C 105 -1.39 23.81 -15.88
N LEU C 106 -2.45 24.38 -16.48
CA LEU C 106 -2.61 25.83 -16.53
C LEU C 106 -3.47 26.30 -15.37
N GLN C 107 -2.98 27.29 -14.60
CA GLN C 107 -3.70 27.89 -13.49
C GLN C 107 -3.95 29.35 -13.79
N VAL C 108 -5.23 29.73 -13.99
CA VAL C 108 -5.64 31.10 -14.32
C VAL C 108 -5.74 31.86 -12.99
N ILE C 109 -4.85 32.84 -12.80
CA ILE C 109 -4.75 33.61 -11.56
C ILE C 109 -5.23 35.06 -11.77
N PRO C 110 -6.21 35.55 -10.99
CA PRO C 110 -6.63 36.95 -11.15
C PRO C 110 -5.76 37.93 -10.39
N ASN C 111 -5.81 39.19 -10.76
CA ASN C 111 -5.11 40.24 -10.05
C ASN C 111 -6.17 40.96 -9.26
N ILE C 112 -6.14 40.76 -7.93
CA ILE C 112 -7.11 41.38 -7.02
C ILE C 112 -6.84 42.86 -7.01
N GLN C 113 -7.79 43.62 -7.56
CA GLN C 113 -7.63 45.06 -7.70
C GLN C 113 -7.89 45.80 -6.40
N ASN C 114 -8.77 45.23 -5.55
CA ASN C 114 -9.10 45.82 -4.28
C ASN C 114 -9.02 44.77 -3.17
N PRO C 115 -7.79 44.40 -2.71
CA PRO C 115 -7.71 43.39 -1.65
C PRO C 115 -8.39 43.88 -0.37
N ASP C 116 -9.13 43.00 0.28
CA ASP C 116 -9.82 43.26 1.53
C ASP C 116 -9.62 42.05 2.45
N PRO C 117 -8.37 41.69 2.84
CA PRO C 117 -8.16 40.48 3.65
C PRO C 117 -8.92 40.55 4.96
N ALA C 118 -9.61 39.45 5.27
CA ALA C 118 -10.44 39.31 6.45
C ALA C 118 -10.59 37.84 6.83
N VAL C 119 -10.74 37.59 8.14
CA VAL C 119 -10.97 36.24 8.68
C VAL C 119 -12.33 36.26 9.37
N TYR C 120 -13.28 35.48 8.84
CA TYR C 120 -14.64 35.42 9.36
C TYR C 120 -14.93 34.08 10.02
N GLN C 121 -15.86 34.08 11.00
CA GLN C 121 -16.31 32.85 11.65
C GLN C 121 -17.72 32.54 11.18
N LEU C 122 -17.93 31.31 10.69
CA LEU C 122 -19.20 30.84 10.14
C LEU C 122 -19.76 29.72 11.00
N ARG C 123 -20.96 29.90 11.56
CA ARG C 123 -21.60 28.88 12.39
C ARG C 123 -22.37 27.90 11.51
N ASP C 124 -22.44 26.62 11.92
CA ASP C 124 -23.14 25.57 11.21
C ASP C 124 -24.63 25.89 11.16
N SER C 125 -25.24 25.59 10.02
CA SER C 125 -26.66 25.80 9.76
C SER C 125 -27.55 25.01 10.72
N LYS C 126 -27.07 23.82 11.18
CA LYS C 126 -27.84 22.93 12.05
C LYS C 126 -27.08 22.49 13.33
N SER C 127 -26.03 23.21 13.77
CA SER C 127 -25.34 22.74 14.96
C SER C 127 -24.89 23.86 15.93
N ASP C 129 -22.27 25.48 17.87
CA ASP C 129 -21.62 24.20 18.13
C ASP C 129 -20.40 24.02 17.22
N LYS C 130 -20.65 23.81 15.91
CA LYS C 130 -19.58 23.63 14.94
C LYS C 130 -19.45 24.90 14.15
N SER C 131 -18.20 25.24 13.77
CA SER C 131 -17.94 26.44 13.02
C SER C 131 -16.63 26.32 12.25
N VAL C 132 -16.51 27.10 11.18
CA VAL C 132 -15.31 27.16 10.35
C VAL C 132 -14.80 28.61 10.31
N CYS C 133 -13.52 28.77 9.96
CA CYS C 133 -12.87 30.06 9.81
C CYS C 133 -12.62 30.29 8.33
N LEU C 134 -13.01 31.47 7.83
CA LEU C 134 -12.86 31.79 6.42
C LEU C 134 -11.93 32.98 6.23
N PHE C 135 -10.76 32.70 5.66
CA PHE C 135 -9.78 33.71 5.28
C PHE C 135 -10.08 34.02 3.83
N THR C 136 -10.51 35.26 3.55
CA THR C 136 -10.92 35.63 2.18
C THR C 136 -10.52 37.05 1.80
N ASP C 137 -10.60 37.34 0.49
CA ASP C 137 -10.36 38.61 -0.21
C ASP C 137 -8.90 39.11 -0.08
N PHE C 138 -7.97 38.17 0.12
CA PHE C 138 -6.54 38.43 0.16
C PHE C 138 -6.02 38.40 -1.27
N ASP C 139 -4.93 39.12 -1.57
CA ASP C 139 -4.37 39.14 -2.92
C ASP C 139 -3.81 37.76 -3.32
N SER C 140 -3.67 37.55 -4.64
CA SER C 140 -3.18 36.31 -5.24
C SER C 140 -1.72 35.99 -4.88
N GLN C 141 -0.97 36.97 -4.32
CA GLN C 141 0.41 36.78 -3.88
C GLN C 141 0.48 36.05 -2.52
N THR C 142 -0.65 36.02 -1.77
CA THR C 142 -0.74 35.36 -0.46
C THR C 142 -0.79 33.84 -0.67
N ASN C 143 0.10 33.12 0.02
CA ASN C 143 0.18 31.67 0.00
C ASN C 143 -0.28 31.15 1.35
N VAL C 144 -1.26 30.26 1.32
CA VAL C 144 -1.83 29.70 2.54
C VAL C 144 -0.99 28.49 2.94
N SER C 145 -0.52 28.49 4.19
CA SER C 145 0.28 27.45 4.77
C SER C 145 -0.58 26.43 5.49
N GLN C 146 -0.29 25.15 5.23
CA GLN C 146 -0.91 23.99 5.87
C GLN C 146 -0.49 24.04 7.35
N SER C 147 -1.42 23.78 8.30
CA SER C 147 -1.06 23.88 9.72
C SER C 147 -0.16 22.73 10.19
N LYS C 148 0.77 23.06 11.11
CA LYS C 148 1.71 22.13 11.73
C LYS C 148 1.00 21.15 12.66
N ASP C 149 -0.13 21.58 13.26
CA ASP C 149 -0.96 20.76 14.15
C ASP C 149 -1.73 19.71 13.33
N SER C 150 -1.71 18.47 13.81
CA SER C 150 -2.38 17.32 13.19
C SER C 150 -3.91 17.44 13.26
N ASP C 151 -4.43 18.09 14.32
CA ASP C 151 -5.87 18.23 14.60
C ASP C 151 -6.48 19.57 14.09
N VAL C 152 -5.68 20.39 13.37
CA VAL C 152 -6.15 21.66 12.78
C VAL C 152 -6.00 21.54 11.26
N TYR C 153 -7.12 21.70 10.54
CA TYR C 153 -7.14 21.56 9.08
C TYR C 153 -7.30 22.89 8.37
N ILE C 154 -6.38 23.18 7.46
CA ILE C 154 -6.40 24.38 6.61
C ILE C 154 -6.40 23.92 5.16
N THR C 155 -7.37 24.40 4.38
CA THR C 155 -7.48 24.08 2.96
C THR C 155 -6.55 25.03 2.20
N ASP C 156 -6.25 24.70 0.93
CA ASP C 156 -5.41 25.57 0.13
C ASP C 156 -6.24 26.74 -0.41
N LYS C 157 -5.57 27.64 -1.15
CA LYS C 157 -6.19 28.79 -1.79
C LYS C 157 -7.16 28.31 -2.87
N CYS C 158 -8.33 28.96 -2.96
CA CYS C 158 -9.40 28.63 -3.89
C CYS C 158 -9.90 29.93 -4.46
N VAL C 159 -9.98 30.04 -5.81
CA VAL C 159 -10.46 31.25 -6.46
C VAL C 159 -11.89 31.05 -6.97
N LEU C 160 -12.80 31.95 -6.59
CA LEU C 160 -14.16 31.91 -7.08
C LEU C 160 -14.40 33.13 -7.98
N ASP C 161 -15.39 33.05 -8.86
CA ASP C 161 -15.72 34.11 -9.79
C ASP C 161 -17.22 34.39 -9.76
N MET C 162 -17.61 35.53 -9.17
CA MET C 162 -18.99 36.02 -9.14
C MET C 162 -19.13 36.77 -10.45
N ARG C 163 -19.37 35.99 -11.51
N ARG C 163 -19.36 35.98 -11.53
CA ARG C 163 -19.44 36.37 -12.91
CA ARG C 163 -19.45 36.37 -12.94
C ARG C 163 -20.37 37.57 -13.20
C ARG C 163 -20.38 37.57 -13.21
N SER C 164 -21.57 37.59 -12.57
CA SER C 164 -22.55 38.68 -12.73
C SER C 164 -22.10 39.98 -12.05
N MET C 165 -21.11 39.90 -11.15
CA MET C 165 -20.59 41.05 -10.40
C MET C 165 -19.19 41.46 -10.85
N ASP C 166 -18.61 40.76 -11.87
CA ASP C 166 -17.27 41.00 -12.44
C ASP C 166 -16.22 40.99 -11.32
N PHE C 167 -16.45 40.10 -10.36
CA PHE C 167 -15.66 39.99 -9.13
C PHE C 167 -15.05 38.61 -8.94
N LYS C 168 -13.76 38.60 -8.54
CA LYS C 168 -12.98 37.40 -8.22
C LYS C 168 -12.45 37.52 -6.81
N SER C 169 -12.47 36.41 -6.06
CA SER C 169 -11.97 36.42 -4.70
C SER C 169 -11.25 35.13 -4.36
N ASN C 170 -10.23 35.25 -3.51
CA ASN C 170 -9.44 34.14 -3.00
C ASN C 170 -9.89 33.82 -1.60
N SER C 171 -9.85 32.53 -1.21
CA SER C 171 -10.23 32.13 0.13
C SER C 171 -9.60 30.80 0.54
N ALA C 172 -9.51 30.60 1.86
CA ALA C 172 -9.00 29.41 2.53
C ALA C 172 -9.89 29.13 3.72
N VAL C 173 -10.18 27.84 3.97
CA VAL C 173 -11.05 27.42 5.07
C VAL C 173 -10.22 26.66 6.11
N ALA C 174 -10.49 26.93 7.40
CA ALA C 174 -9.84 26.26 8.53
C ALA C 174 -10.86 25.83 9.58
N TRP C 175 -10.67 24.63 10.15
CA TRP C 175 -11.54 24.12 11.20
C TRP C 175 -10.80 23.15 12.12
N SER C 176 -11.31 23.00 13.34
CA SER C 176 -10.77 22.11 14.35
C SER C 176 -11.85 21.87 15.40
N ASN C 177 -11.80 20.71 16.07
CA ASN C 177 -12.75 20.35 17.12
C ASN C 177 -12.17 20.60 18.52
N LYS C 178 -10.86 20.94 18.60
CA LYS C 178 -10.12 21.23 19.85
C LYS C 178 -10.65 22.47 20.58
N SER C 179 -10.22 22.62 21.85
CA SER C 179 -10.57 23.70 22.78
C SER C 179 -9.80 25.01 22.53
N ASP C 180 -8.51 24.93 22.14
CA ASP C 180 -7.67 26.11 21.93
C ASP C 180 -7.79 26.69 20.51
N PHE C 181 -8.84 26.32 19.75
CA PHE C 181 -9.00 26.81 18.39
C PHE C 181 -9.89 28.06 18.27
N ALA C 182 -9.28 29.15 17.79
CA ALA C 182 -9.89 30.45 17.51
C ALA C 182 -9.53 30.89 16.09
N CYS C 183 -10.44 31.58 15.40
CA CYS C 183 -10.26 32.05 14.03
C CYS C 183 -9.13 33.08 13.89
N ALA C 184 -8.87 33.86 14.95
CA ALA C 184 -7.82 34.88 14.97
C ALA C 184 -6.42 34.30 14.80
N ASN C 185 -6.19 33.05 15.24
CA ASN C 185 -4.88 32.40 15.18
C ASN C 185 -4.84 31.22 14.20
N ALA C 186 -5.99 30.90 13.57
CA ALA C 186 -6.18 29.78 12.62
C ALA C 186 -5.21 29.84 11.42
N PHE C 187 -5.03 31.02 10.81
CA PHE C 187 -4.21 31.20 9.60
C PHE C 187 -2.87 31.93 9.86
N ASN C 188 -2.39 31.94 11.11
CA ASN C 188 -1.16 32.64 11.50
C ASN C 188 0.16 31.99 11.01
N ASN C 189 0.14 30.72 10.53
CA ASN C 189 1.37 30.08 9.99
C ASN C 189 1.75 30.73 8.64
N SER C 190 0.76 31.32 7.96
CA SER C 190 0.87 32.06 6.71
C SER C 190 1.23 33.53 6.99
N ILE C 191 1.82 34.23 5.99
CA ILE C 191 2.09 35.66 6.08
C ILE C 191 0.75 36.36 5.86
N ILE C 192 0.21 36.96 6.94
CA ILE C 192 -1.08 37.65 6.93
C ILE C 192 -0.87 39.07 6.40
N PRO C 193 -1.73 39.50 5.43
CA PRO C 193 -1.59 40.86 4.90
C PRO C 193 -1.89 41.92 5.96
N GLU C 194 -1.23 43.08 5.84
CA GLU C 194 -1.43 44.20 6.76
C GLU C 194 -2.88 44.69 6.70
N ASP C 195 -3.45 44.96 7.89
CA ASP C 195 -4.82 45.43 8.12
C ASP C 195 -5.87 44.40 7.70
N THR C 196 -5.63 43.12 8.06
CA THR C 196 -6.60 42.06 7.84
C THR C 196 -7.72 42.29 8.87
N PHE C 197 -8.96 42.22 8.41
CA PHE C 197 -10.11 42.46 9.26
C PHE C 197 -10.40 41.21 10.07
N PHE C 198 -10.36 41.36 11.40
CA PHE C 198 -10.62 40.27 12.32
C PHE C 198 -11.86 40.57 13.18
N PRO C 199 -13.08 40.40 12.61
CA PRO C 199 -14.27 40.70 13.40
C PRO C 199 -14.53 39.73 14.55
N SER C 200 -15.43 40.18 15.41
CA SER C 200 -15.83 39.52 16.64
C SER C 200 -17.31 39.21 16.66
N PRO C 201 -17.70 37.96 17.01
CA PRO C 201 -19.12 37.61 17.02
C PRO C 201 -19.66 37.31 18.42
N GLY D 3 -22.32 11.92 -27.45
CA GLY D 3 -21.01 11.72 -26.84
C GLY D 3 -20.70 10.28 -26.51
N VAL D 4 -19.50 10.05 -25.96
CA VAL D 4 -19.03 8.73 -25.54
C VAL D 4 -19.44 8.54 -24.07
N SER D 5 -20.13 7.43 -23.75
CA SER D 5 -20.58 7.13 -22.40
C SER D 5 -19.71 6.05 -21.77
N GLN D 6 -19.33 6.24 -20.50
CA GLN D 6 -18.54 5.27 -19.74
C GLN D 6 -19.22 4.93 -18.44
N SER D 7 -19.32 3.62 -18.14
CA SER D 7 -19.98 3.14 -16.92
C SER D 7 -19.22 1.96 -16.30
N PRO D 8 -19.10 1.90 -14.94
CA PRO D 8 -19.56 2.91 -13.97
C PRO D 8 -18.58 4.07 -13.92
N ARG D 9 -19.05 5.26 -13.48
CA ARG D 9 -18.19 6.44 -13.36
C ARG D 9 -17.06 6.16 -12.36
N TYR D 10 -17.41 5.60 -11.19
CA TYR D 10 -16.44 5.20 -10.17
C TYR D 10 -16.65 3.75 -9.78
N LYS D 11 -15.55 3.03 -9.58
CA LYS D 11 -15.58 1.62 -9.20
C LYS D 11 -14.61 1.34 -8.05
N VAL D 12 -15.15 0.78 -6.95
CA VAL D 12 -14.40 0.35 -5.78
C VAL D 12 -14.25 -1.16 -5.90
N ALA D 13 -13.01 -1.66 -5.89
CA ALA D 13 -12.76 -3.08 -6.03
C ALA D 13 -11.86 -3.60 -4.92
N LYS D 14 -12.20 -4.79 -4.42
CA LYS D 14 -11.36 -5.46 -3.43
C LYS D 14 -10.23 -6.11 -4.18
N ARG D 15 -9.01 -6.09 -3.61
CA ARG D 15 -7.84 -6.68 -4.26
C ARG D 15 -8.07 -8.17 -4.52
N GLY D 16 -7.93 -8.56 -5.78
CA GLY D 16 -8.12 -9.94 -6.21
C GLY D 16 -9.43 -10.23 -6.91
N GLN D 17 -10.40 -9.30 -6.87
CA GLN D 17 -11.69 -9.50 -7.55
C GLN D 17 -11.60 -8.98 -8.99
N ASP D 18 -12.55 -9.40 -9.85
CA ASP D 18 -12.56 -9.00 -11.26
C ASP D 18 -13.44 -7.77 -11.48
N VAL D 19 -13.03 -6.89 -12.39
CA VAL D 19 -13.79 -5.69 -12.74
C VAL D 19 -14.04 -5.63 -14.24
N ALA D 20 -15.15 -5.00 -14.63
CA ALA D 20 -15.55 -4.77 -16.01
C ALA D 20 -15.90 -3.30 -16.17
N LEU D 21 -15.31 -2.65 -17.18
CA LEU D 21 -15.56 -1.24 -17.46
C LEU D 21 -16.13 -1.15 -18.85
N ARG D 22 -17.29 -0.52 -18.97
CA ARG D 22 -18.03 -0.42 -20.22
C ARG D 22 -17.85 0.93 -20.90
N CYS D 23 -17.82 0.90 -22.24
CA CYS D 23 -17.73 2.09 -23.07
C CYS D 23 -18.75 2.02 -24.20
N ASP D 24 -19.53 3.08 -24.34
CA ASP D 24 -20.52 3.25 -25.38
C ASP D 24 -20.02 4.37 -26.29
N PRO D 25 -19.32 4.03 -27.39
CA PRO D 25 -18.81 5.08 -28.28
C PRO D 25 -19.94 5.77 -29.07
N ILE D 26 -19.60 6.86 -29.79
CA ILE D 26 -20.57 7.56 -30.64
C ILE D 26 -20.93 6.62 -31.80
N SER D 27 -22.24 6.51 -32.09
CA SER D 27 -22.80 5.65 -33.13
C SER D 27 -22.16 5.92 -34.49
N GLY D 28 -21.73 4.85 -35.15
CA GLY D 28 -21.09 4.88 -36.46
C GLY D 28 -19.59 5.07 -36.46
N HIS D 29 -18.99 5.33 -35.28
CA HIS D 29 -17.54 5.51 -35.15
C HIS D 29 -16.85 4.16 -35.24
N VAL D 30 -15.88 4.05 -36.14
CA VAL D 30 -15.15 2.82 -36.44
C VAL D 30 -14.01 2.59 -35.44
N SER D 31 -13.27 3.63 -35.07
CA SER D 31 -12.14 3.50 -34.15
C SER D 31 -12.54 3.70 -32.69
N LEU D 32 -12.04 2.82 -31.81
CA LEU D 32 -12.27 2.87 -30.37
C LEU D 32 -10.93 2.69 -29.67
N PHE D 33 -10.68 3.54 -28.65
CA PHE D 33 -9.43 3.55 -27.91
C PHE D 33 -9.66 3.45 -26.43
N TRP D 34 -8.74 2.78 -25.74
CA TRP D 34 -8.72 2.65 -24.30
C TRP D 34 -7.43 3.27 -23.80
N TYR D 35 -7.54 4.11 -22.77
CA TYR D 35 -6.42 4.79 -22.16
C TYR D 35 -6.45 4.57 -20.66
N GLN D 36 -5.28 4.55 -20.04
CA GLN D 36 -5.12 4.44 -18.60
C GLN D 36 -4.46 5.72 -18.15
N GLN D 37 -5.01 6.39 -17.15
CA GLN D 37 -4.46 7.64 -16.69
C GLN D 37 -4.29 7.66 -15.17
N ALA D 38 -3.03 7.78 -14.74
CA ALA D 38 -2.64 7.84 -13.34
C ALA D 38 -2.52 9.29 -12.87
N LEU D 39 -2.40 9.48 -11.54
CA LEU D 39 -2.27 10.79 -10.87
C LEU D 39 -1.14 11.64 -11.46
N GLY D 40 -1.52 12.85 -11.87
CA GLY D 40 -0.62 13.86 -12.43
C GLY D 40 0.03 13.55 -13.76
N GLN D 41 -0.29 12.43 -14.43
N GLN D 41 -0.37 12.47 -14.45
CA GLN D 41 0.30 12.13 -15.74
CA GLN D 41 0.19 12.04 -15.73
C GLN D 41 -0.80 12.04 -16.82
C GLN D 41 -0.86 12.11 -16.83
N GLY D 42 -0.39 12.13 -18.09
CA GLY D 42 -1.25 12.14 -19.25
C GLY D 42 -1.82 10.75 -19.55
N PRO D 43 -2.90 10.67 -20.36
CA PRO D 43 -3.45 9.35 -20.69
C PRO D 43 -2.44 8.49 -21.45
N GLU D 44 -2.28 7.23 -21.01
CA GLU D 44 -1.38 6.24 -21.60
C GLU D 44 -2.19 5.26 -22.41
N PHE D 45 -1.82 5.05 -23.69
CA PHE D 45 -2.51 4.15 -24.59
C PHE D 45 -2.53 2.71 -24.05
N LEU D 46 -3.69 2.05 -24.15
CA LEU D 46 -3.88 0.66 -23.74
C LEU D 46 -4.15 -0.22 -24.95
N THR D 47 -5.29 0.01 -25.63
CA THR D 47 -5.68 -0.80 -26.77
C THR D 47 -6.49 0.02 -27.78
N TYR D 48 -6.61 -0.52 -29.00
CA TYR D 48 -7.31 0.10 -30.12
C TYR D 48 -8.13 -0.93 -30.88
N PHE D 49 -9.33 -0.51 -31.29
CA PHE D 49 -10.26 -1.33 -32.05
C PHE D 49 -10.65 -0.69 -33.36
N GLN D 50 -10.58 -1.49 -34.40
CA GLN D 50 -11.09 -1.14 -35.70
C GLN D 50 -12.31 -1.94 -35.85
N ASN D 51 -13.44 -1.36 -35.40
CA ASN D 51 -14.73 -2.02 -35.28
C ASN D 51 -14.58 -3.11 -34.28
N GLU D 52 -14.77 -4.35 -34.73
CA GLU D 52 -14.67 -5.47 -33.83
C GLU D 52 -13.20 -5.92 -33.69
N ALA D 53 -12.30 -5.56 -34.65
CA ALA D 53 -10.92 -6.03 -34.61
C ALA D 53 -9.99 -5.24 -33.65
N GLN D 54 -9.34 -5.95 -32.73
CA GLN D 54 -8.34 -5.38 -31.81
C GLN D 54 -6.99 -5.36 -32.54
N LEU D 55 -6.76 -4.30 -33.33
CA LEU D 55 -5.57 -4.11 -34.17
C LEU D 55 -4.29 -3.71 -33.42
N ASP D 56 -4.42 -3.16 -32.21
CA ASP D 56 -3.27 -2.73 -31.42
C ASP D 56 -3.56 -2.89 -29.94
N LYS D 57 -2.75 -3.71 -29.26
CA LYS D 57 -2.88 -3.95 -27.82
C LYS D 57 -1.50 -3.88 -27.15
N SER D 58 -0.58 -3.09 -27.75
CA SER D 58 0.80 -2.90 -27.29
C SER D 58 0.89 -2.18 -25.94
N GLY D 59 -0.19 -1.50 -25.54
CA GLY D 59 -0.27 -0.76 -24.29
C GLY D 59 -0.85 -1.50 -23.10
N LEU D 60 -1.44 -2.71 -23.31
CA LEU D 60 -2.04 -3.49 -22.22
C LEU D 60 -0.96 -3.92 -21.21
N PRO D 61 -1.14 -3.55 -19.91
CA PRO D 61 -0.08 -3.79 -18.91
C PRO D 61 0.31 -5.25 -18.71
N SER D 62 -0.68 -6.15 -18.66
CA SER D 62 -0.43 -7.58 -18.45
C SER D 62 -1.58 -8.41 -19.03
N ASP D 63 -1.55 -9.73 -18.79
CA ASP D 63 -2.51 -10.70 -19.30
C ASP D 63 -3.84 -10.67 -18.52
N ARG D 64 -3.86 -9.98 -17.34
CA ARG D 64 -5.10 -9.78 -16.59
C ARG D 64 -5.99 -8.77 -17.32
N PHE D 65 -5.37 -7.92 -18.20
CA PHE D 65 -6.06 -6.91 -18.98
C PHE D 65 -6.53 -7.49 -20.31
N PHE D 66 -7.83 -7.42 -20.56
CA PHE D 66 -8.46 -7.94 -21.76
C PHE D 66 -9.62 -7.04 -22.19
N ALA D 67 -9.66 -6.69 -23.50
CA ALA D 67 -10.70 -5.82 -24.05
C ALA D 67 -11.48 -6.52 -25.17
N GLU D 68 -12.76 -6.15 -25.28
CA GLU D 68 -13.75 -6.72 -26.19
C GLU D 68 -14.56 -5.63 -26.88
N ARG D 69 -15.06 -5.89 -28.09
CA ARG D 69 -15.96 -5.02 -28.86
C ARG D 69 -16.68 -5.96 -29.85
N PRO D 70 -17.49 -6.93 -29.31
CA PRO D 70 -18.06 -8.00 -30.15
C PRO D 70 -19.01 -7.58 -31.27
N GLU D 71 -19.63 -6.40 -31.19
CA GLU D 71 -20.59 -5.97 -32.21
C GLU D 71 -20.11 -4.74 -32.99
N GLY D 72 -18.83 -4.38 -32.82
CA GLY D 72 -18.21 -3.23 -33.48
C GLY D 72 -18.68 -1.90 -32.94
N SER D 73 -19.20 -1.89 -31.69
CA SER D 73 -19.71 -0.69 -31.02
C SER D 73 -19.25 -0.64 -29.56
N VAL D 74 -20.10 -1.12 -28.61
CA VAL D 74 -19.81 -1.10 -27.18
C VAL D 74 -18.59 -1.97 -26.88
N SER D 75 -17.65 -1.41 -26.11
CA SER D 75 -16.43 -2.08 -25.71
C SER D 75 -16.37 -2.27 -24.21
N THR D 76 -15.85 -3.42 -23.76
CA THR D 76 -15.68 -3.72 -22.36
C THR D 76 -14.20 -3.98 -22.08
N LEU D 77 -13.67 -3.33 -21.05
CA LEU D 77 -12.30 -3.53 -20.58
C LEU D 77 -12.40 -4.30 -19.28
N LYS D 78 -11.89 -5.53 -19.29
CA LYS D 78 -11.92 -6.43 -18.13
C LYS D 78 -10.55 -6.53 -17.50
N ILE D 79 -10.50 -6.33 -16.17
CA ILE D 79 -9.29 -6.43 -15.38
C ILE D 79 -9.52 -7.55 -14.35
N GLN D 80 -8.87 -8.70 -14.57
CA GLN D 80 -8.95 -9.87 -13.70
C GLN D 80 -8.02 -9.72 -12.52
N ARG D 81 -8.38 -10.37 -11.38
CA ARG D 81 -7.62 -10.40 -10.12
C ARG D 81 -6.94 -9.04 -9.89
N THR D 82 -7.75 -7.96 -9.80
CA THR D 82 -7.28 -6.57 -9.64
C THR D 82 -6.22 -6.39 -8.59
N GLN D 83 -5.23 -5.56 -8.92
CA GLN D 83 -4.10 -5.18 -8.08
C GLN D 83 -4.19 -3.69 -7.83
N GLN D 84 -3.49 -3.19 -6.82
CA GLN D 84 -3.54 -1.77 -6.48
C GLN D 84 -2.86 -0.87 -7.51
N GLU D 85 -1.95 -1.43 -8.36
CA GLU D 85 -1.33 -0.60 -9.41
C GLU D 85 -2.32 -0.38 -10.58
N ASP D 86 -3.47 -1.08 -10.54
CA ASP D 86 -4.51 -0.93 -11.56
C ASP D 86 -5.40 0.30 -11.24
N SER D 87 -5.27 0.88 -10.02
CA SER D 87 -6.01 2.06 -9.61
C SER D 87 -5.62 3.26 -10.47
N ALA D 88 -6.57 3.70 -11.32
CA ALA D 88 -6.39 4.80 -12.28
C ALA D 88 -7.73 5.20 -12.89
N VAL D 89 -7.70 6.15 -13.83
CA VAL D 89 -8.87 6.57 -14.60
C VAL D 89 -8.75 5.91 -15.96
N TYR D 90 -9.71 5.06 -16.32
CA TYR D 90 -9.71 4.37 -17.60
C TYR D 90 -10.57 5.16 -18.54
N LEU D 91 -9.94 5.75 -19.55
CA LEU D 91 -10.60 6.59 -20.53
C LEU D 91 -10.90 5.83 -21.80
N CYS D 92 -12.05 6.15 -22.39
CA CYS D 92 -12.45 5.56 -23.66
C CYS D 92 -12.66 6.66 -24.66
N ALA D 93 -12.19 6.45 -25.89
CA ALA D 93 -12.31 7.41 -26.97
C ALA D 93 -12.77 6.75 -28.25
N SER D 94 -13.39 7.54 -29.13
CA SER D 94 -13.83 7.07 -30.44
C SER D 94 -13.75 8.20 -31.46
N SER D 95 -13.53 7.83 -32.73
CA SER D 95 -13.43 8.72 -33.89
C SER D 95 -13.89 7.97 -35.15
N LEU D 96 -14.30 8.67 -36.22
CA LEU D 96 -14.74 7.96 -37.42
C LEU D 96 -13.66 7.98 -38.51
N ALA D 97 -13.00 6.81 -38.67
CA ALA D 97 -11.92 6.45 -39.61
C ALA D 97 -11.54 7.57 -40.62
N THR D 105 -12.34 16.89 -38.56
CA THR D 105 -11.25 17.35 -37.71
C THR D 105 -10.30 16.20 -37.33
N GLY D 106 -10.75 14.95 -37.49
CA GLY D 106 -9.99 13.74 -37.16
C GLY D 106 -9.68 13.62 -35.69
N GLU D 107 -10.51 14.25 -34.84
CA GLU D 107 -10.36 14.31 -33.39
C GLU D 107 -10.87 13.05 -32.71
N LEU D 108 -10.38 12.84 -31.48
CA LEU D 108 -10.82 11.77 -30.61
C LEU D 108 -11.86 12.32 -29.66
N PHE D 109 -13.00 11.63 -29.58
CA PHE D 109 -14.09 12.00 -28.67
C PHE D 109 -13.98 11.12 -27.45
N PHE D 110 -13.79 11.73 -26.29
CA PHE D 110 -13.62 10.98 -25.05
C PHE D 110 -14.85 10.94 -24.17
N GLY D 111 -14.94 9.85 -23.40
CA GLY D 111 -15.94 9.67 -22.36
C GLY D 111 -15.44 10.40 -21.14
N GLU D 112 -16.20 10.38 -20.06
CA GLU D 112 -15.77 11.11 -18.85
C GLU D 112 -14.81 10.27 -17.99
N GLY D 113 -14.53 9.05 -18.44
CA GLY D 113 -13.63 8.13 -17.75
C GLY D 113 -14.30 7.29 -16.70
N SER D 114 -13.63 6.20 -16.33
CA SER D 114 -14.07 5.29 -15.29
C SER D 114 -12.94 5.18 -14.29
N ARG D 115 -13.11 5.82 -13.12
CA ARG D 115 -12.07 5.76 -12.10
C ARG D 115 -12.20 4.47 -11.31
N LEU D 116 -11.11 3.70 -11.27
CA LEU D 116 -11.04 2.46 -10.52
C LEU D 116 -10.12 2.66 -9.33
N THR D 117 -10.57 2.26 -8.15
CA THR D 117 -9.78 2.34 -6.93
C THR D 117 -9.78 0.95 -6.31
N VAL D 118 -8.60 0.35 -6.25
CA VAL D 118 -8.39 -0.99 -5.73
C VAL D 118 -7.92 -0.87 -4.28
N LEU D 119 -8.70 -1.49 -3.37
CA LEU D 119 -8.43 -1.46 -1.93
C LEU D 119 -8.26 -2.88 -1.40
N GLU D 120 -7.44 -3.03 -0.34
CA GLU D 120 -7.21 -4.33 0.31
C GLU D 120 -8.43 -4.73 1.12
N ASP D 121 -9.07 -3.75 1.80
CA ASP D 121 -10.24 -3.97 2.64
C ASP D 121 -11.31 -2.91 2.39
N LEU D 122 -12.56 -3.38 2.15
CA LEU D 122 -13.72 -2.52 1.89
C LEU D 122 -14.33 -1.96 3.19
N LYS D 123 -13.82 -2.39 4.36
CA LYS D 123 -14.24 -1.92 5.69
C LYS D 123 -13.86 -0.46 5.92
N ASN D 124 -12.95 0.06 5.06
CA ASN D 124 -12.45 1.42 5.09
C ASN D 124 -13.30 2.35 4.22
N VAL D 125 -14.27 1.82 3.44
CA VAL D 125 -15.14 2.63 2.59
C VAL D 125 -16.15 3.36 3.48
N PHE D 126 -16.21 4.68 3.36
CA PHE D 126 -17.08 5.54 4.16
C PHE D 126 -17.74 6.64 3.34
N PRO D 127 -19.05 6.91 3.55
CA PRO D 127 -19.67 8.05 2.84
C PRO D 127 -19.36 9.35 3.57
N PRO D 128 -19.46 10.53 2.92
CA PRO D 128 -19.17 11.77 3.64
C PRO D 128 -20.33 12.25 4.51
N GLU D 129 -19.99 13.08 5.49
CA GLU D 129 -20.92 13.81 6.33
C GLU D 129 -20.88 15.23 5.78
N VAL D 130 -22.04 15.83 5.51
CA VAL D 130 -22.07 17.14 4.88
C VAL D 130 -22.69 18.17 5.82
N ALA D 131 -22.01 19.32 5.95
CA ALA D 131 -22.45 20.45 6.76
C ALA D 131 -22.29 21.75 6.00
N VAL D 132 -23.27 22.67 6.14
CA VAL D 132 -23.26 24.00 5.52
C VAL D 132 -23.07 25.02 6.63
N PHE D 133 -22.13 25.95 6.43
CA PHE D 133 -21.79 27.00 7.37
C PHE D 133 -22.26 28.32 6.77
N GLU D 134 -23.16 28.97 7.49
CA GLU D 134 -23.82 30.20 7.11
C GLU D 134 -22.90 31.41 7.05
N PRO D 135 -23.11 32.31 6.05
CA PRO D 135 -22.27 33.51 5.94
C PRO D 135 -22.18 34.34 7.22
N SER D 136 -20.98 34.84 7.50
CA SER D 136 -20.68 35.68 8.65
C SER D 136 -21.41 37.01 8.52
N GLU D 137 -21.94 37.50 9.65
CA GLU D 137 -22.68 38.77 9.74
C GLU D 137 -21.74 39.95 9.48
N ALA D 138 -20.47 39.79 9.86
CA ALA D 138 -19.41 40.76 9.66
C ALA D 138 -19.03 40.88 8.19
N GLU D 139 -19.07 39.75 7.45
CA GLU D 139 -18.80 39.70 6.00
C GLU D 139 -19.83 40.49 5.23
N ILE D 140 -21.11 40.32 5.58
CA ILE D 140 -22.25 40.99 4.96
C ILE D 140 -22.11 42.51 5.18
N SER D 141 -21.78 42.98 6.39
CA SER D 141 -21.66 44.43 6.53
C SER D 141 -20.31 44.97 6.03
N HIS D 142 -19.24 44.13 5.99
CA HIS D 142 -17.96 44.63 5.49
C HIS D 142 -17.93 44.68 3.95
N THR D 143 -18.56 43.69 3.26
CA THR D 143 -18.47 43.59 1.80
C THR D 143 -19.81 43.57 1.02
N GLN D 144 -20.94 43.29 1.71
CA GLN D 144 -22.29 43.12 1.12
C GLN D 144 -22.33 41.85 0.27
N LYS D 145 -21.47 40.88 0.64
CA LYS D 145 -21.34 39.57 0.01
C LYS D 145 -21.51 38.51 1.07
N ALA D 146 -21.98 37.34 0.66
CA ALA D 146 -22.25 36.26 1.59
C ALA D 146 -21.62 34.97 1.11
N THR D 147 -20.64 34.45 1.86
CA THR D 147 -19.97 33.20 1.51
C THR D 147 -20.49 32.07 2.36
N LEU D 148 -21.05 31.06 1.69
CA LEU D 148 -21.51 29.83 2.30
C LEU D 148 -20.38 28.84 2.18
N VAL D 149 -20.06 28.13 3.25
CA VAL D 149 -18.98 27.15 3.22
C VAL D 149 -19.57 25.77 3.44
N CYS D 150 -19.17 24.82 2.61
CA CYS D 150 -19.61 23.45 2.74
C CYS D 150 -18.45 22.56 3.09
N LEU D 151 -18.66 21.64 4.03
CA LEU D 151 -17.64 20.68 4.45
C LEU D 151 -18.13 19.25 4.29
N ALA D 152 -17.40 18.48 3.47
CA ALA D 152 -17.64 17.05 3.25
C ALA D 152 -16.54 16.33 4.05
N THR D 153 -16.90 15.55 5.06
CA THR D 153 -15.89 14.93 5.94
C THR D 153 -16.07 13.42 6.13
N GLY D 154 -14.97 12.76 6.50
CA GLY D 154 -14.89 11.34 6.81
C GLY D 154 -15.24 10.40 5.69
N PHE D 155 -14.91 10.76 4.43
CA PHE D 155 -15.21 9.89 3.30
C PHE D 155 -13.98 9.16 2.79
N TYR D 156 -14.16 7.91 2.36
CA TYR D 156 -13.10 7.08 1.79
C TYR D 156 -13.71 6.06 0.81
N PRO D 157 -13.20 5.91 -0.44
CA PRO D 157 -12.04 6.60 -1.03
C PRO D 157 -12.41 8.00 -1.54
N ASP D 158 -11.50 8.65 -2.29
CA ASP D 158 -11.73 9.99 -2.85
C ASP D 158 -12.62 9.87 -4.11
N HIS D 159 -13.89 9.52 -3.89
CA HIS D 159 -14.90 9.33 -4.94
C HIS D 159 -16.05 10.30 -4.69
N VAL D 160 -15.78 11.60 -4.82
CA VAL D 160 -16.79 12.61 -4.55
C VAL D 160 -16.92 13.64 -5.66
N GLU D 161 -18.12 14.21 -5.76
CA GLU D 161 -18.49 15.28 -6.67
C GLU D 161 -19.33 16.24 -5.87
N LEU D 162 -18.74 17.40 -5.55
CA LEU D 162 -19.44 18.41 -4.77
C LEU D 162 -20.08 19.42 -5.71
N SER D 163 -21.34 19.79 -5.44
CA SER D 163 -22.07 20.77 -6.23
C SER D 163 -23.00 21.59 -5.35
N TRP D 164 -23.25 22.86 -5.76
CA TRP D 164 -24.12 23.78 -5.04
C TRP D 164 -25.46 23.90 -5.77
N TRP D 165 -26.55 23.98 -5.00
CA TRP D 165 -27.90 24.03 -5.52
C TRP D 165 -28.69 25.16 -4.87
N VAL D 166 -29.13 26.12 -5.70
CA VAL D 166 -29.91 27.26 -5.23
C VAL D 166 -31.30 27.17 -5.86
N ASN D 167 -32.31 26.88 -5.02
CA ASN D 167 -33.74 26.74 -5.37
C ASN D 167 -33.96 25.64 -6.42
N GLY D 168 -33.31 24.50 -6.22
CA GLY D 168 -33.41 23.33 -7.10
C GLY D 168 -32.64 23.39 -8.41
N LYS D 169 -31.86 24.46 -8.59
CA LYS D 169 -31.04 24.65 -9.79
C LYS D 169 -29.58 24.73 -9.41
N GLU D 170 -28.70 24.04 -10.16
CA GLU D 170 -27.26 24.02 -9.93
C GLU D 170 -26.65 25.37 -10.26
N VAL D 171 -25.76 25.85 -9.39
CA VAL D 171 -25.05 27.11 -9.57
C VAL D 171 -23.55 26.82 -9.72
N HIS D 172 -22.90 27.56 -10.63
CA HIS D 172 -21.48 27.43 -10.91
C HIS D 172 -20.75 28.74 -10.63
N SER D 173 -21.44 29.87 -10.79
CA SER D 173 -20.90 31.21 -10.54
C SER D 173 -20.72 31.43 -9.04
N GLY D 174 -19.59 32.00 -8.66
CA GLY D 174 -19.23 32.28 -7.28
C GLY D 174 -18.89 31.03 -6.47
N VAL D 175 -18.55 29.93 -7.16
CA VAL D 175 -18.25 28.64 -6.56
C VAL D 175 -16.79 28.26 -6.74
N CYS D 176 -16.19 27.76 -5.66
CA CYS D 176 -14.84 27.22 -5.67
C CYS D 176 -14.75 26.05 -4.71
N THR D 177 -14.53 24.86 -5.25
CA THR D 177 -14.33 23.62 -4.51
C THR D 177 -12.83 23.33 -4.55
N ASP D 178 -12.27 22.79 -3.46
CA ASP D 178 -10.86 22.47 -3.38
C ASP D 178 -10.48 21.49 -4.50
N PRO D 179 -9.41 21.78 -5.29
CA PRO D 179 -9.03 20.89 -6.40
C PRO D 179 -8.63 19.47 -5.95
N GLN D 180 -8.31 19.29 -4.66
CA GLN D 180 -7.96 18.01 -4.05
C GLN D 180 -8.39 17.98 -2.56
N PRO D 181 -8.73 16.81 -1.98
CA PRO D 181 -9.15 16.79 -0.57
C PRO D 181 -7.99 16.70 0.41
N LEU D 182 -8.30 16.90 1.71
CA LEU D 182 -7.34 16.79 2.81
C LEU D 182 -7.49 15.46 3.50
N LYS D 183 -6.36 14.87 3.92
CA LYS D 183 -6.39 13.63 4.70
C LYS D 183 -6.67 14.05 6.14
N GLU D 184 -7.68 13.45 6.77
CA GLU D 184 -8.04 13.79 8.16
C GLU D 184 -6.95 13.33 9.13
N GLN D 185 -6.21 12.28 8.75
CA GLN D 185 -5.08 11.74 9.50
C GLN D 185 -3.88 11.56 8.55
N PRO D 186 -3.08 12.62 8.26
CA PRO D 186 -1.94 12.42 7.34
C PRO D 186 -0.79 11.64 7.99
N ASP D 190 -5.28 3.97 3.72
CA ASP D 190 -4.91 5.30 4.16
C ASP D 190 -6.11 6.09 4.73
N SER D 191 -5.86 7.36 5.11
CA SER D 191 -6.80 8.24 5.79
C SER D 191 -8.07 8.62 5.05
N ARG D 192 -9.10 8.91 5.85
CA ARG D 192 -10.40 9.42 5.42
C ARG D 192 -10.21 10.88 5.01
N TYR D 193 -11.01 11.36 4.07
CA TYR D 193 -10.82 12.68 3.52
C TYR D 193 -11.85 13.71 3.97
N ALA D 194 -11.48 14.97 3.77
CA ALA D 194 -12.27 16.17 4.02
C ALA D 194 -12.12 17.09 2.83
N LEU D 195 -13.23 17.66 2.36
CA LEU D 195 -13.25 18.56 1.20
C LEU D 195 -14.13 19.76 1.51
N SER D 196 -13.65 20.95 1.14
CA SER D 196 -14.38 22.20 1.35
C SER D 196 -14.75 22.87 0.03
N SER D 197 -15.78 23.71 0.06
CA SER D 197 -16.25 24.45 -1.11
C SER D 197 -16.87 25.77 -0.70
N ARG D 198 -16.93 26.72 -1.65
CA ARG D 198 -17.55 27.99 -1.31
C ARG D 198 -18.56 28.41 -2.34
N LEU D 199 -19.62 29.08 -1.86
CA LEU D 199 -20.63 29.69 -2.69
C LEU D 199 -20.79 31.11 -2.21
N ARG D 200 -20.39 32.05 -3.03
CA ARG D 200 -20.51 33.46 -2.69
C ARG D 200 -21.60 34.10 -3.51
N VAL D 201 -22.58 34.65 -2.81
CA VAL D 201 -23.74 35.33 -3.37
C VAL D 201 -23.78 36.77 -2.83
N SER D 202 -24.68 37.61 -3.35
CA SER D 202 -24.88 38.96 -2.84
C SER D 202 -25.60 38.83 -1.50
N ALA D 203 -25.29 39.68 -0.50
CA ALA D 203 -25.89 39.63 0.84
C ALA D 203 -27.42 39.71 0.77
N THR D 204 -27.96 40.51 -0.18
CA THR D 204 -29.40 40.68 -0.42
C THR D 204 -30.04 39.33 -0.79
N PHE D 205 -29.35 38.53 -1.62
CA PHE D 205 -29.79 37.21 -2.05
C PHE D 205 -29.80 36.22 -0.88
N TRP D 206 -28.74 36.25 -0.05
CA TRP D 206 -28.64 35.38 1.12
C TRP D 206 -29.66 35.78 2.21
N GLN D 207 -29.95 37.09 2.36
CA GLN D 207 -30.86 37.56 3.40
C GLN D 207 -32.34 37.27 3.12
N ASN D 208 -32.68 36.77 1.93
CA ASN D 208 -34.06 36.40 1.63
C ASN D 208 -34.32 35.03 2.26
N PRO D 209 -35.22 34.94 3.28
CA PRO D 209 -35.45 33.63 3.93
C PRO D 209 -36.19 32.60 3.08
N ARG D 210 -36.69 33.01 1.90
CA ARG D 210 -37.39 32.10 0.98
C ARG D 210 -36.40 31.42 0.02
N ASN D 211 -35.15 31.91 -0.03
CA ASN D 211 -34.10 31.33 -0.86
C ASN D 211 -33.52 30.09 -0.19
N HIS D 212 -33.51 28.99 -0.95
CA HIS D 212 -33.02 27.69 -0.49
C HIS D 212 -31.65 27.40 -1.05
N PHE D 213 -30.73 27.01 -0.16
CA PHE D 213 -29.34 26.70 -0.48
C PHE D 213 -29.05 25.27 -0.09
N ARG D 214 -28.35 24.54 -0.96
CA ARG D 214 -28.02 23.15 -0.68
C ARG D 214 -26.66 22.78 -1.23
N CYS D 215 -25.85 22.15 -0.38
CA CYS D 215 -24.58 21.61 -0.79
C CYS D 215 -24.76 20.12 -0.97
N GLN D 216 -24.53 19.66 -2.18
CA GLN D 216 -24.68 18.25 -2.51
C GLN D 216 -23.33 17.62 -2.70
N VAL D 217 -23.15 16.44 -2.10
CA VAL D 217 -21.93 15.66 -2.26
C VAL D 217 -22.38 14.30 -2.79
N GLN D 218 -22.07 14.06 -4.06
CA GLN D 218 -22.34 12.81 -4.73
C GLN D 218 -21.16 11.89 -4.43
N PHE D 219 -21.43 10.83 -3.67
CA PHE D 219 -20.42 9.87 -3.26
C PHE D 219 -20.57 8.58 -4.05
N TYR D 220 -19.43 7.92 -4.30
CA TYR D 220 -19.35 6.66 -5.01
C TYR D 220 -18.66 5.64 -4.13
N GLY D 221 -19.40 4.64 -3.69
CA GLY D 221 -18.87 3.61 -2.83
C GLY D 221 -19.06 2.24 -3.42
N LEU D 222 -19.74 1.35 -2.68
CA LEU D 222 -20.00 -0.02 -3.11
C LEU D 222 -21.27 -0.11 -3.98
N SER D 223 -21.34 -1.15 -4.81
CA SER D 223 -22.48 -1.45 -5.67
C SER D 223 -23.37 -2.49 -4.97
N GLU D 224 -24.46 -2.95 -5.62
CA GLU D 224 -25.40 -3.93 -5.10
C GLU D 224 -24.73 -5.30 -4.84
N ASN D 225 -23.84 -5.74 -5.76
CA ASN D 225 -23.16 -7.03 -5.73
C ASN D 225 -22.19 -7.17 -4.56
N ASP D 226 -21.54 -6.06 -4.14
CA ASP D 226 -20.57 -6.05 -3.05
C ASP D 226 -21.23 -6.49 -1.76
N GLU D 227 -20.55 -7.40 -1.02
CA GLU D 227 -21.04 -7.95 0.24
C GLU D 227 -20.78 -7.00 1.40
N TRP D 228 -21.78 -6.83 2.28
CA TRP D 228 -21.64 -5.98 3.46
C TRP D 228 -22.05 -6.73 4.70
N THR D 229 -21.10 -6.85 5.65
CA THR D 229 -21.27 -7.61 6.89
C THR D 229 -21.06 -6.71 8.13
N GLN D 230 -20.82 -5.41 7.94
CA GLN D 230 -20.64 -4.52 9.10
C GLN D 230 -22.00 -4.12 9.68
N ASP D 231 -22.01 -3.62 10.93
CA ASP D 231 -23.25 -3.23 11.58
C ASP D 231 -23.65 -1.78 11.23
N ARG D 232 -22.80 -1.07 10.46
CA ARG D 232 -23.12 0.27 9.98
C ARG D 232 -23.72 0.17 8.57
N ALA D 233 -24.43 1.23 8.13
CA ALA D 233 -25.06 1.29 6.82
C ALA D 233 -24.03 1.10 5.72
N LYS D 234 -24.33 0.21 4.75
CA LYS D 234 -23.47 -0.10 3.60
C LYS D 234 -23.07 1.20 2.90
N PRO D 235 -21.75 1.46 2.71
CA PRO D 235 -21.34 2.71 2.06
C PRO D 235 -21.53 2.62 0.55
N VAL D 236 -22.80 2.67 0.13
CA VAL D 236 -23.23 2.61 -1.26
C VAL D 236 -23.04 3.96 -1.95
N THR D 237 -23.15 3.96 -3.29
CA THR D 237 -23.12 5.17 -4.11
C THR D 237 -24.39 5.93 -3.71
N GLN D 238 -24.22 7.14 -3.16
CA GLN D 238 -25.32 7.96 -2.65
C GLN D 238 -25.00 9.43 -2.68
N ILE D 239 -26.04 10.26 -2.52
CA ILE D 239 -25.95 11.70 -2.40
C ILE D 239 -26.20 12.06 -0.92
N VAL D 240 -25.30 12.85 -0.34
CA VAL D 240 -25.42 13.36 1.02
C VAL D 240 -25.47 14.88 0.90
N SER D 241 -26.55 15.50 1.41
CA SER D 241 -26.76 16.95 1.31
C SER D 241 -26.83 17.63 2.68
N ALA D 242 -26.67 18.96 2.65
CA ALA D 242 -26.80 19.89 3.76
C ALA D 242 -27.49 21.12 3.23
N GLU D 243 -28.64 21.45 3.81
CA GLU D 243 -29.49 22.53 3.35
C GLU D 243 -29.52 23.69 4.31
N ALA D 244 -29.84 24.88 3.79
CA ALA D 244 -29.96 26.11 4.56
C ALA D 244 -30.87 27.11 3.87
N TRP D 245 -31.74 27.75 4.65
CA TRP D 245 -32.58 28.84 4.19
C TRP D 245 -31.82 30.13 4.35
N GLY D 246 -32.24 31.17 3.64
CA GLY D 246 -31.65 32.48 3.78
C GLY D 246 -31.94 33.07 5.15
N ARG D 247 -31.09 33.95 5.65
CA ARG D 247 -31.28 34.52 6.97
C ARG D 247 -31.30 36.04 6.91
N ALA D 248 -32.47 36.64 7.25
CA ALA D 248 -32.61 38.10 7.33
C ALA D 248 -31.69 38.63 8.43
N ASP D 249 -31.15 39.85 8.26
CA ASP D 249 -30.21 40.45 9.21
C ASP D 249 -30.77 40.54 10.63
NA NA E . 13.99 -5.75 20.64
NA NA F . 13.02 -19.97 18.22
C1 EDO G . 3.11 -10.11 29.76
O1 EDO G . 3.07 -10.66 31.05
C2 EDO G . 2.27 -8.82 29.75
O2 EDO G . 2.75 -7.93 30.73
C1 EDO H . 19.06 -16.72 21.58
O1 EDO H . 19.44 -17.54 22.66
C2 EDO H . 17.71 -16.02 21.78
O2 EDO H . 17.79 -15.11 22.85
CL CL I . 32.52 -10.88 11.69
CL CL J . 27.78 -18.25 6.54
CL CL K . 20.09 -22.14 -2.60
CL CL L . 25.13 -16.06 21.59
C1 EDO M . -1.47 37.76 -10.10
O1 EDO M . -1.52 38.83 -11.04
C2 EDO M . -0.86 38.28 -8.81
O2 EDO M . -1.69 39.28 -8.26
CL CL N . -4.74 22.35 -13.31
CL CL O . -0.55 38.00 -23.77
NA NA P . -0.99 7.81 -17.13
C1 EDO Q . -19.46 -2.51 -15.29
O1 EDO Q . -19.97 -3.00 -16.52
C2 EDO Q . -20.36 -2.87 -14.10
O2 EDO Q . -19.74 -2.42 -12.91
CL CL R . -21.14 5.10 -10.99
CL CL S . -32.06 23.18 -3.76
CL CL T . -33.56 23.72 4.82
#